data_2EQW
#
_entry.id   2EQW
#
loop_
_entity.id
_entity.type
_entity.pdbx_description
1 polymer 'Zinc finger protein 484'
2 non-polymer 'ZINC ION'
#
_entity_poly.entity_id   1
_entity_poly.type   'polypeptide(L)'
_entity_poly.pdbx_seq_one_letter_code
;GSSGSSGEKPYVCTECGKAFIRKSHFITHERIHTGESGPSSG
;
_entity_poly.pdbx_strand_id   A
#
loop_
_chem_comp.id
_chem_comp.type
_chem_comp.name
_chem_comp.formula
ZN non-polymer 'ZINC ION' 'Zn 2'
#
# COMPACT_ATOMS: atom_id res chain seq x y z
N GLY A 1 11.61 -5.37 21.18
CA GLY A 1 11.49 -6.18 22.37
C GLY A 1 10.06 -6.50 22.74
N SER A 2 9.34 -5.50 23.24
CA SER A 2 7.96 -5.68 23.63
C SER A 2 7.08 -4.56 23.08
N SER A 3 7.07 -4.41 21.76
CA SER A 3 6.29 -3.37 21.11
C SER A 3 5.02 -3.95 20.50
N GLY A 4 4.47 -4.97 21.16
CA GLY A 4 3.26 -5.61 20.67
C GLY A 4 3.54 -6.78 19.76
N SER A 5 3.83 -6.49 18.49
CA SER A 5 4.11 -7.54 17.51
C SER A 5 2.93 -8.49 17.38
N SER A 6 1.73 -7.93 17.28
CA SER A 6 0.52 -8.74 17.15
C SER A 6 -0.48 -8.07 16.21
N GLY A 7 -1.38 -8.87 15.66
CA GLY A 7 -2.39 -8.33 14.76
C GLY A 7 -1.83 -8.05 13.37
N GLU A 8 -1.21 -9.05 12.76
CA GLU A 8 -0.64 -8.91 11.43
C GLU A 8 -1.72 -8.65 10.40
N LYS A 9 -1.64 -7.49 9.75
CA LYS A 9 -2.61 -7.10 8.73
C LYS A 9 -2.12 -7.49 7.33
N PRO A 10 -3.05 -7.57 6.38
CA PRO A 10 -2.73 -7.92 4.99
C PRO A 10 -1.95 -6.82 4.28
N TYR A 11 -1.87 -6.93 2.96
CA TYR A 11 -1.16 -5.94 2.16
C TYR A 11 -1.60 -4.52 2.51
N VAL A 12 -0.74 -3.81 3.23
CA VAL A 12 -1.05 -2.44 3.63
C VAL A 12 -0.23 -1.44 2.84
N CYS A 13 -0.91 -0.62 2.04
CA CYS A 13 -0.24 0.38 1.21
C CYS A 13 0.67 1.26 2.07
N THR A 14 1.93 1.38 1.66
CA THR A 14 2.90 2.19 2.38
C THR A 14 3.01 3.58 1.77
N GLU A 15 1.92 4.07 1.20
CA GLU A 15 1.91 5.39 0.57
C GLU A 15 0.80 6.25 1.15
N CYS A 16 -0.38 5.65 1.33
CA CYS A 16 -1.52 6.38 1.87
C CYS A 16 -2.01 5.72 3.16
N GLY A 17 -1.88 4.39 3.23
CA GLY A 17 -2.31 3.68 4.41
C GLY A 17 -3.66 3.00 4.23
N LYS A 18 -3.63 1.78 3.68
CA LYS A 18 -4.86 1.03 3.43
C LYS A 18 -4.56 -0.46 3.33
N ALA A 19 -5.24 -1.26 4.15
CA ALA A 19 -5.06 -2.70 4.14
C ALA A 19 -5.94 -3.36 3.09
N PHE A 20 -5.43 -4.41 2.46
CA PHE A 20 -6.18 -5.13 1.44
C PHE A 20 -6.09 -6.64 1.66
N ILE A 21 -7.12 -7.20 2.31
CA ILE A 21 -7.16 -8.62 2.58
C ILE A 21 -7.02 -9.44 1.30
N ARG A 22 -7.44 -8.86 0.19
CA ARG A 22 -7.36 -9.52 -1.11
C ARG A 22 -6.03 -9.20 -1.80
N LYS A 23 -5.68 -10.02 -2.79
CA LYS A 23 -4.44 -9.83 -3.53
C LYS A 23 -4.73 -9.31 -4.94
N SER A 24 -5.69 -8.39 -5.04
CA SER A 24 -6.06 -7.82 -6.33
C SER A 24 -6.17 -6.30 -6.24
N HIS A 25 -6.99 -5.84 -5.30
CA HIS A 25 -7.18 -4.40 -5.11
C HIS A 25 -5.87 -3.72 -4.74
N PHE A 26 -4.97 -4.47 -4.10
CA PHE A 26 -3.69 -3.93 -3.70
C PHE A 26 -2.77 -3.72 -4.91
N ILE A 27 -2.60 -4.78 -5.69
CA ILE A 27 -1.76 -4.71 -6.88
C ILE A 27 -2.24 -3.62 -7.84
N THR A 28 -3.56 -3.47 -7.95
CA THR A 28 -4.15 -2.47 -8.82
C THR A 28 -4.02 -1.07 -8.22
N HIS A 29 -3.96 -1.01 -6.90
CA HIS A 29 -3.83 0.27 -6.20
C HIS A 29 -2.46 0.89 -6.46
N GLU A 30 -1.49 0.04 -6.76
CA GLU A 30 -0.12 0.51 -7.01
C GLU A 30 -0.06 1.30 -8.32
N ARG A 31 -0.99 1.03 -9.22
CA ARG A 31 -1.04 1.71 -10.50
C ARG A 31 -1.32 3.20 -10.32
N ILE A 32 -2.46 3.51 -9.72
CA ILE A 32 -2.85 4.89 -9.48
C ILE A 32 -1.75 5.65 -8.74
N HIS A 33 -0.97 4.92 -7.95
CA HIS A 33 0.12 5.52 -7.18
C HIS A 33 1.34 5.76 -8.07
N THR A 34 1.93 4.66 -8.56
CA THR A 34 3.11 4.76 -9.42
C THR A 34 2.83 5.64 -10.63
N GLY A 35 3.35 6.86 -10.60
CA GLY A 35 3.15 7.78 -11.70
C GLY A 35 3.79 7.30 -12.98
N GLU A 36 4.95 6.64 -12.85
CA GLU A 36 5.67 6.12 -14.01
C GLU A 36 5.91 4.63 -13.88
N SER A 37 5.66 3.90 -14.96
CA SER A 37 5.85 2.45 -14.96
C SER A 37 5.66 1.89 -16.37
N GLY A 38 6.70 1.24 -16.89
CA GLY A 38 6.63 0.67 -18.22
C GLY A 38 7.55 -0.53 -18.38
N PRO A 39 7.56 -1.12 -19.59
CA PRO A 39 8.39 -2.29 -19.89
C PRO A 39 9.87 -1.93 -19.95
N SER A 40 10.19 -0.78 -20.53
CA SER A 40 11.57 -0.33 -20.64
C SER A 40 12.21 -0.17 -19.26
N SER A 41 11.41 0.29 -18.31
CA SER A 41 11.90 0.50 -16.95
C SER A 41 11.57 -0.71 -16.06
N GLY A 42 12.43 -0.99 -15.10
CA GLY A 42 12.21 -2.12 -14.20
C GLY A 42 12.72 -3.42 -14.76
ZN ZN B . -2.13 3.85 -1.38
N GLY A 1 10.42 -5.62 24.79
CA GLY A 1 9.18 -4.93 24.52
C GLY A 1 8.32 -5.65 23.51
N SER A 2 8.36 -5.19 22.27
CA SER A 2 7.56 -5.78 21.20
C SER A 2 8.47 -6.47 20.18
N SER A 3 8.81 -7.72 20.44
CA SER A 3 9.67 -8.48 19.54
C SER A 3 8.84 -9.40 18.65
N GLY A 4 7.99 -10.20 19.26
CA GLY A 4 7.14 -11.11 18.51
C GLY A 4 5.92 -10.43 17.93
N SER A 5 5.16 -11.17 17.12
CA SER A 5 3.95 -10.63 16.51
C SER A 5 2.93 -11.73 16.25
N SER A 6 1.85 -11.72 17.03
CA SER A 6 0.80 -12.72 16.89
C SER A 6 -0.11 -12.39 15.72
N GLY A 7 -0.70 -11.20 15.76
CA GLY A 7 -1.60 -10.78 14.69
C GLY A 7 -0.94 -9.80 13.74
N GLU A 8 -1.57 -9.60 12.59
CA GLU A 8 -1.04 -8.67 11.58
C GLU A 8 -2.06 -8.44 10.47
N LYS A 9 -1.99 -7.27 9.86
CA LYS A 9 -2.91 -6.91 8.78
C LYS A 9 -2.37 -7.37 7.44
N PRO A 10 -3.26 -7.48 6.44
CA PRO A 10 -2.90 -7.91 5.09
C PRO A 10 -2.06 -6.88 4.36
N TYR A 11 -1.92 -7.06 3.04
CA TYR A 11 -1.13 -6.14 2.23
C TYR A 11 -1.55 -4.69 2.49
N VAL A 12 -0.68 -3.95 3.18
CA VAL A 12 -0.95 -2.55 3.49
C VAL A 12 -0.08 -1.62 2.65
N CYS A 13 -0.70 -0.64 2.02
CA CYS A 13 0.02 0.32 1.19
C CYS A 13 0.86 1.25 2.04
N THR A 14 2.13 1.40 1.68
CA THR A 14 3.06 2.26 2.42
C THR A 14 3.15 3.63 1.77
N GLU A 15 2.03 4.12 1.26
CA GLU A 15 1.98 5.44 0.62
C GLU A 15 0.86 6.29 1.20
N CYS A 16 -0.29 5.67 1.44
CA CYS A 16 -1.43 6.38 2.00
C CYS A 16 -1.90 5.72 3.29
N GLY A 17 -1.82 4.40 3.34
CA GLY A 17 -2.25 3.66 4.52
C GLY A 17 -3.59 2.97 4.33
N LYS A 18 -3.57 1.82 3.68
CA LYS A 18 -4.79 1.06 3.44
C LYS A 18 -4.49 -0.44 3.34
N ALA A 19 -5.22 -1.23 4.11
CA ALA A 19 -5.04 -2.68 4.10
C ALA A 19 -5.91 -3.34 3.04
N PHE A 20 -5.38 -4.39 2.41
CA PHE A 20 -6.11 -5.11 1.38
C PHE A 20 -6.07 -6.61 1.63
N ILE A 21 -7.15 -7.14 2.21
CA ILE A 21 -7.23 -8.56 2.50
C ILE A 21 -7.01 -9.39 1.24
N ARG A 22 -7.52 -8.91 0.11
CA ARG A 22 -7.38 -9.61 -1.15
C ARG A 22 -6.10 -9.20 -1.86
N LYS A 23 -5.55 -10.10 -2.67
CA LYS A 23 -4.33 -9.84 -3.40
C LYS A 23 -4.63 -9.35 -4.82
N SER A 24 -5.62 -8.47 -4.94
CA SER A 24 -6.02 -7.94 -6.24
C SER A 24 -6.15 -6.42 -6.18
N HIS A 25 -6.79 -5.92 -5.13
CA HIS A 25 -6.99 -4.49 -4.95
C HIS A 25 -5.66 -3.79 -4.68
N PHE A 26 -4.71 -4.53 -4.11
CA PHE A 26 -3.39 -3.99 -3.81
C PHE A 26 -2.56 -3.80 -5.07
N ILE A 27 -2.47 -4.85 -5.87
CA ILE A 27 -1.72 -4.80 -7.12
C ILE A 27 -2.23 -3.70 -8.04
N THR A 28 -3.54 -3.44 -7.97
CA THR A 28 -4.16 -2.42 -8.79
C THR A 28 -3.99 -1.04 -8.16
N HIS A 29 -3.90 -1.01 -6.84
CA HIS A 29 -3.74 0.25 -6.11
C HIS A 29 -2.38 0.88 -6.40
N GLU A 30 -1.42 0.04 -6.79
CA GLU A 30 -0.07 0.51 -7.09
C GLU A 30 -0.07 1.34 -8.37
N ARG A 31 -1.05 1.09 -9.23
CA ARG A 31 -1.16 1.82 -10.50
C ARG A 31 -1.46 3.29 -10.26
N ILE A 32 -2.58 3.57 -9.60
CA ILE A 32 -2.98 4.94 -9.29
C ILE A 32 -1.86 5.70 -8.59
N HIS A 33 -1.02 4.97 -7.86
CA HIS A 33 0.10 5.58 -7.14
C HIS A 33 1.28 5.82 -8.07
N THR A 34 1.56 4.85 -8.94
CA THR A 34 2.66 4.95 -9.88
C THR A 34 2.23 5.69 -11.14
N GLY A 35 2.27 7.02 -11.10
CA GLY A 35 1.89 7.81 -12.25
C GLY A 35 3.08 8.41 -12.96
N GLU A 36 3.79 7.57 -13.72
CA GLU A 36 4.97 8.02 -14.46
C GLU A 36 4.95 7.49 -15.89
N SER A 37 3.77 7.51 -16.50
CA SER A 37 3.61 7.03 -17.87
C SER A 37 3.21 8.17 -18.81
N GLY A 38 3.98 9.25 -18.77
CA GLY A 38 3.69 10.39 -19.62
C GLY A 38 4.27 10.25 -21.01
N PRO A 39 3.87 11.15 -21.92
CA PRO A 39 4.35 11.14 -23.31
C PRO A 39 5.83 11.51 -23.42
N SER A 40 6.51 10.90 -24.39
CA SER A 40 7.93 11.17 -24.59
C SER A 40 8.71 11.00 -23.30
N SER A 41 8.51 9.86 -22.64
CA SER A 41 9.20 9.58 -21.38
C SER A 41 9.89 8.22 -21.44
N GLY A 42 10.83 8.00 -20.52
CA GLY A 42 11.54 6.74 -20.48
C GLY A 42 10.75 5.63 -19.81
ZN ZN B . -1.85 3.92 -1.28
N GLY A 1 7.51 8.10 18.20
CA GLY A 1 7.46 6.66 18.39
C GLY A 1 8.84 6.05 18.51
N SER A 2 9.49 5.82 17.38
CA SER A 2 10.82 5.23 17.37
C SER A 2 10.80 3.83 17.98
N SER A 3 9.68 3.13 17.79
CA SER A 3 9.52 1.78 18.31
C SER A 3 9.40 0.77 17.18
N GLY A 4 8.30 0.86 16.44
CA GLY A 4 8.07 -0.06 15.33
C GLY A 4 7.24 -1.26 15.73
N SER A 5 5.98 -1.01 16.07
CA SER A 5 5.08 -2.09 16.47
C SER A 5 4.75 -2.99 15.30
N SER A 6 4.82 -4.30 15.54
CA SER A 6 4.53 -5.28 14.49
C SER A 6 3.09 -5.15 14.00
N GLY A 7 2.79 -5.82 12.88
CA GLY A 7 1.45 -5.76 12.32
C GLY A 7 0.98 -7.10 11.82
N GLU A 8 -0.31 -7.37 11.97
CA GLU A 8 -0.88 -8.63 11.52
C GLU A 8 -1.97 -8.40 10.47
N LYS A 9 -1.83 -7.31 9.73
CA LYS A 9 -2.80 -6.96 8.69
C LYS A 9 -2.27 -7.38 7.31
N PRO A 10 -3.19 -7.49 6.34
CA PRO A 10 -2.86 -7.88 4.98
C PRO A 10 -2.08 -6.80 4.24
N TYR A 11 -1.97 -6.93 2.93
CA TYR A 11 -1.25 -5.97 2.11
C TYR A 11 -1.70 -4.54 2.41
N VAL A 12 -0.86 -3.79 3.10
CA VAL A 12 -1.18 -2.41 3.46
C VAL A 12 -0.31 -1.43 2.69
N CYS A 13 -0.96 -0.53 1.95
CA CYS A 13 -0.25 0.46 1.15
C CYS A 13 0.75 1.22 2.01
N THR A 14 1.99 1.28 1.55
CA THR A 14 3.05 1.98 2.28
C THR A 14 3.22 3.40 1.75
N GLU A 15 2.15 3.97 1.21
CA GLU A 15 2.19 5.33 0.68
C GLU A 15 1.03 6.16 1.23
N CYS A 16 -0.16 5.58 1.22
CA CYS A 16 -1.35 6.27 1.72
C CYS A 16 -1.93 5.55 2.93
N GLY A 17 -1.68 4.25 3.02
CA GLY A 17 -2.18 3.46 4.13
C GLY A 17 -3.53 2.83 3.84
N LYS A 18 -3.51 1.73 3.10
CA LYS A 18 -4.73 1.02 2.75
C LYS A 18 -4.51 -0.49 2.77
N ALA A 19 -5.21 -1.18 3.66
CA ALA A 19 -5.09 -2.63 3.78
C ALA A 19 -6.01 -3.33 2.80
N PHE A 20 -5.53 -4.42 2.21
CA PHE A 20 -6.32 -5.18 1.25
C PHE A 20 -6.20 -6.68 1.52
N ILE A 21 -7.21 -7.25 2.16
CA ILE A 21 -7.22 -8.67 2.47
C ILE A 21 -6.97 -9.51 1.23
N ARG A 22 -7.39 -8.99 0.08
CA ARG A 22 -7.21 -9.70 -1.18
C ARG A 22 -5.84 -9.39 -1.79
N LYS A 23 -5.47 -10.15 -2.82
CA LYS A 23 -4.18 -9.97 -3.48
C LYS A 23 -4.37 -9.41 -4.89
N SER A 24 -5.47 -8.69 -5.09
CA SER A 24 -5.76 -8.10 -6.39
C SER A 24 -5.99 -6.60 -6.26
N HIS A 25 -6.85 -6.21 -5.33
CA HIS A 25 -7.14 -4.79 -5.11
C HIS A 25 -5.88 -4.02 -4.76
N PHE A 26 -4.99 -4.66 -4.01
CA PHE A 26 -3.73 -4.03 -3.61
C PHE A 26 -2.89 -3.65 -4.82
N ILE A 27 -2.59 -4.65 -5.65
CA ILE A 27 -1.79 -4.42 -6.85
C ILE A 27 -2.37 -3.29 -7.70
N THR A 28 -3.66 -3.38 -7.99
CA THR A 28 -4.34 -2.37 -8.78
C THR A 28 -4.37 -1.03 -8.06
N HIS A 29 -4.32 -1.09 -6.72
CA HIS A 29 -4.35 0.12 -5.91
C HIS A 29 -3.00 0.83 -5.95
N GLU A 30 -1.96 0.11 -6.33
CA GLU A 30 -0.62 0.68 -6.41
C GLU A 30 -0.46 1.50 -7.70
N ARG A 31 -1.27 1.20 -8.69
CA ARG A 31 -1.21 1.90 -9.97
C ARG A 31 -1.44 3.39 -9.78
N ILE A 32 -2.46 3.73 -8.99
CA ILE A 32 -2.79 5.12 -8.73
C ILE A 32 -1.57 5.90 -8.25
N HIS A 33 -0.66 5.20 -7.59
CA HIS A 33 0.56 5.82 -7.08
C HIS A 33 1.68 5.77 -8.12
N THR A 34 2.08 4.55 -8.48
CA THR A 34 3.15 4.36 -9.47
C THR A 34 2.84 5.13 -10.75
N GLY A 35 1.76 4.77 -11.42
CA GLY A 35 1.37 5.44 -12.64
C GLY A 35 0.90 4.47 -13.70
N GLU A 36 1.83 3.72 -14.29
CA GLU A 36 1.50 2.75 -15.33
C GLU A 36 2.70 1.85 -15.63
N SER A 37 2.59 0.59 -15.25
CA SER A 37 3.66 -0.37 -15.48
C SER A 37 3.34 -1.27 -16.68
N GLY A 38 3.37 -0.67 -17.88
CA GLY A 38 3.09 -1.43 -19.08
C GLY A 38 4.08 -2.55 -19.31
N PRO A 39 3.84 -3.35 -20.36
CA PRO A 39 4.71 -4.47 -20.72
C PRO A 39 6.07 -4.01 -21.25
N SER A 40 7.10 -4.14 -20.42
CA SER A 40 8.45 -3.74 -20.81
C SER A 40 9.00 -4.67 -21.89
N SER A 41 9.17 -4.13 -23.09
CA SER A 41 9.70 -4.91 -24.21
C SER A 41 11.11 -4.47 -24.57
N GLY A 42 12.08 -4.84 -23.75
CA GLY A 42 13.45 -4.46 -24.00
C GLY A 42 14.44 -5.32 -23.23
ZN ZN B . -2.47 3.64 -1.59
N GLY A 1 2.52 -6.66 33.45
CA GLY A 1 1.21 -6.07 33.27
C GLY A 1 0.23 -7.03 32.63
N SER A 2 -0.73 -6.49 31.89
CA SER A 2 -1.74 -7.31 31.22
C SER A 2 -1.64 -7.17 29.70
N SER A 3 -0.89 -8.07 29.08
CA SER A 3 -0.71 -8.05 27.63
C SER A 3 -0.14 -9.37 27.13
N GLY A 4 -0.27 -9.61 25.83
CA GLY A 4 0.23 -10.84 25.25
C GLY A 4 -0.62 -11.33 24.10
N SER A 5 -0.75 -10.51 23.07
CA SER A 5 -1.56 -10.86 21.91
C SER A 5 -0.90 -10.39 20.62
N SER A 6 -1.55 -10.66 19.49
CA SER A 6 -1.01 -10.26 18.19
C SER A 6 -2.13 -10.16 17.16
N GLY A 7 -1.90 -9.34 16.13
CA GLY A 7 -2.90 -9.16 15.09
C GLY A 7 -2.37 -8.38 13.90
N GLU A 8 -1.66 -9.08 13.01
CA GLU A 8 -1.09 -8.44 11.83
C GLU A 8 -2.18 -8.12 10.81
N LYS A 9 -1.78 -7.47 9.72
CA LYS A 9 -2.73 -7.11 8.67
C LYS A 9 -2.18 -7.49 7.30
N PRO A 10 -3.07 -7.58 6.30
CA PRO A 10 -2.71 -7.93 4.93
C PRO A 10 -1.92 -6.84 4.24
N TYR A 11 -1.78 -6.94 2.93
CA TYR A 11 -1.05 -5.96 2.14
C TYR A 11 -1.51 -4.54 2.48
N VAL A 12 -0.68 -3.81 3.21
CA VAL A 12 -0.99 -2.44 3.60
C VAL A 12 -0.22 -1.43 2.75
N CYS A 13 -0.95 -0.59 2.03
CA CYS A 13 -0.32 0.42 1.18
C CYS A 13 0.69 1.24 1.97
N THR A 14 1.92 1.28 1.47
CA THR A 14 2.99 2.04 2.12
C THR A 14 3.13 3.42 1.51
N GLU A 15 2.02 3.98 1.05
CA GLU A 15 2.02 5.31 0.46
C GLU A 15 0.89 6.17 1.00
N CYS A 16 -0.29 5.57 1.12
CA CYS A 16 -1.47 6.27 1.64
C CYS A 16 -1.94 5.64 2.94
N GLY A 17 -1.71 4.34 3.08
CA GLY A 17 -2.13 3.63 4.29
C GLY A 17 -3.49 2.98 4.13
N LYS A 18 -3.50 1.78 3.56
CA LYS A 18 -4.73 1.04 3.35
C LYS A 18 -4.47 -0.46 3.25
N ALA A 19 -5.15 -1.24 4.10
CA ALA A 19 -4.98 -2.68 4.10
C ALA A 19 -5.87 -3.33 3.05
N PHE A 20 -5.34 -4.37 2.40
CA PHE A 20 -6.08 -5.08 1.36
C PHE A 20 -5.98 -6.59 1.56
N ILE A 21 -7.03 -7.18 2.11
CA ILE A 21 -7.06 -8.62 2.36
C ILE A 21 -6.84 -9.39 1.07
N ARG A 22 -7.36 -8.87 -0.03
CA ARG A 22 -7.24 -9.51 -1.33
C ARG A 22 -5.87 -9.21 -1.95
N LYS A 23 -5.43 -10.07 -2.86
CA LYS A 23 -4.15 -9.90 -3.52
C LYS A 23 -4.34 -9.35 -4.93
N SER A 24 -5.43 -8.63 -5.14
CA SER A 24 -5.74 -8.04 -6.44
C SER A 24 -5.98 -6.54 -6.31
N HIS A 25 -6.85 -6.17 -5.37
CA HIS A 25 -7.16 -4.76 -5.14
C HIS A 25 -5.92 -3.96 -4.79
N PHE A 26 -5.00 -4.60 -4.08
CA PHE A 26 -3.75 -3.94 -3.68
C PHE A 26 -2.92 -3.57 -4.89
N ILE A 27 -2.56 -4.57 -5.68
CA ILE A 27 -1.75 -4.34 -6.88
C ILE A 27 -2.37 -3.26 -7.76
N THR A 28 -3.67 -3.38 -8.01
CA THR A 28 -4.38 -2.41 -8.83
C THR A 28 -4.42 -1.04 -8.16
N HIS A 29 -4.45 -1.04 -6.84
CA HIS A 29 -4.48 0.20 -6.07
C HIS A 29 -3.13 0.88 -6.07
N GLU A 30 -2.09 0.12 -6.39
CA GLU A 30 -0.73 0.64 -6.42
C GLU A 30 -0.48 1.41 -7.72
N ARG A 31 -1.25 1.10 -8.75
CA ARG A 31 -1.12 1.76 -10.04
C ARG A 31 -1.32 3.27 -9.90
N ILE A 32 -2.37 3.65 -9.19
CA ILE A 32 -2.67 5.06 -8.98
C ILE A 32 -1.46 5.81 -8.42
N HIS A 33 -0.61 5.09 -7.70
CA HIS A 33 0.58 5.68 -7.12
C HIS A 33 1.74 5.68 -8.12
N THR A 34 1.87 4.58 -8.85
CA THR A 34 2.94 4.44 -9.83
C THR A 34 2.75 5.44 -10.98
N GLY A 35 1.49 5.81 -11.24
CA GLY A 35 1.21 6.74 -12.30
C GLY A 35 1.02 8.15 -11.81
N GLU A 36 -0.20 8.49 -11.39
CA GLU A 36 -0.49 9.83 -10.89
C GLU A 36 0.20 10.08 -9.56
N SER A 37 0.16 11.33 -9.11
CA SER A 37 0.80 11.71 -7.85
C SER A 37 -0.21 11.69 -6.70
N GLY A 38 -1.18 12.61 -6.76
CA GLY A 38 -2.19 12.68 -5.72
C GLY A 38 -3.58 12.90 -6.29
N PRO A 39 -4.59 12.85 -5.41
CA PRO A 39 -6.00 13.03 -5.80
C PRO A 39 -6.29 14.47 -6.22
N SER A 40 -5.52 15.42 -5.68
CA SER A 40 -5.71 16.82 -5.98
C SER A 40 -4.38 17.47 -6.36
N SER A 41 -4.46 18.60 -7.06
CA SER A 41 -3.27 19.32 -7.49
C SER A 41 -3.59 20.78 -7.79
N GLY A 42 -2.86 21.68 -7.15
CA GLY A 42 -3.09 23.10 -7.36
C GLY A 42 -2.55 23.58 -8.69
ZN ZN B . -2.60 3.63 -1.71
N GLY A 1 4.82 6.56 24.09
CA GLY A 1 4.39 5.82 25.27
C GLY A 1 5.09 4.50 25.41
N SER A 2 4.41 3.52 25.99
CA SER A 2 4.98 2.19 26.19
C SER A 2 4.35 1.18 25.23
N SER A 3 4.32 1.54 23.95
CA SER A 3 3.75 0.67 22.93
C SER A 3 4.38 0.94 21.57
N GLY A 4 4.34 -0.07 20.70
CA GLY A 4 4.91 0.08 19.37
C GLY A 4 4.57 -1.07 18.46
N SER A 5 3.28 -1.42 18.41
CA SER A 5 2.82 -2.53 17.57
C SER A 5 1.45 -2.21 16.96
N SER A 6 1.36 -2.34 15.64
CA SER A 6 0.12 -2.07 14.93
C SER A 6 -0.76 -3.32 14.87
N GLY A 7 -0.12 -4.48 14.91
CA GLY A 7 -0.84 -5.73 14.85
C GLY A 7 -0.59 -6.49 13.55
N GLU A 8 -1.53 -7.36 13.19
CA GLU A 8 -1.41 -8.15 11.96
C GLU A 8 -2.47 -7.74 10.94
N LYS A 9 -2.04 -7.53 9.71
CA LYS A 9 -2.94 -7.14 8.63
C LYS A 9 -2.39 -7.56 7.27
N PRO A 10 -3.29 -7.62 6.27
CA PRO A 10 -2.91 -8.01 4.91
C PRO A 10 -2.05 -6.95 4.22
N TYR A 11 -1.91 -7.08 2.90
CA TYR A 11 -1.11 -6.14 2.12
C TYR A 11 -1.52 -4.70 2.43
N VAL A 12 -0.68 -4.00 3.17
CA VAL A 12 -0.95 -2.61 3.53
C VAL A 12 -0.13 -1.65 2.68
N CYS A 13 -0.80 -0.64 2.13
CA CYS A 13 -0.13 0.36 1.30
C CYS A 13 0.88 1.16 2.11
N THR A 14 2.12 1.21 1.63
CA THR A 14 3.18 1.95 2.31
C THR A 14 3.33 3.35 1.73
N GLU A 15 2.24 3.88 1.20
CA GLU A 15 2.26 5.22 0.61
C GLU A 15 1.12 6.07 1.15
N CYS A 16 -0.07 5.49 1.20
CA CYS A 16 -1.25 6.19 1.71
C CYS A 16 -1.75 5.56 3.01
N GLY A 17 -1.49 4.27 3.16
CA GLY A 17 -1.93 3.56 4.36
C GLY A 17 -3.31 2.93 4.20
N LYS A 18 -3.34 1.74 3.63
CA LYS A 18 -4.60 1.02 3.42
C LYS A 18 -4.36 -0.48 3.30
N ALA A 19 -5.08 -1.26 4.09
CA ALA A 19 -4.95 -2.71 4.07
C ALA A 19 -5.85 -3.32 3.00
N PHE A 20 -5.35 -4.37 2.36
CA PHE A 20 -6.11 -5.06 1.30
C PHE A 20 -6.08 -6.57 1.50
N ILE A 21 -7.16 -7.10 2.06
CA ILE A 21 -7.26 -8.54 2.30
C ILE A 21 -7.10 -9.33 1.01
N ARG A 22 -7.53 -8.73 -0.10
CA ARG A 22 -7.42 -9.38 -1.40
C ARG A 22 -6.03 -9.20 -1.99
N LYS A 23 -5.65 -10.12 -2.86
CA LYS A 23 -4.34 -10.07 -3.51
C LYS A 23 -4.45 -9.56 -4.94
N SER A 24 -5.50 -8.78 -5.22
CA SER A 24 -5.74 -8.24 -6.55
C SER A 24 -5.97 -6.73 -6.48
N HIS A 25 -6.72 -6.31 -5.47
CA HIS A 25 -7.02 -4.88 -5.30
C HIS A 25 -5.77 -4.11 -4.90
N PHE A 26 -4.86 -4.78 -4.20
CA PHE A 26 -3.62 -4.15 -3.75
C PHE A 26 -2.70 -3.86 -4.94
N ILE A 27 -2.44 -4.89 -5.74
CA ILE A 27 -1.58 -4.75 -6.91
C ILE A 27 -2.07 -3.65 -7.83
N THR A 28 -3.39 -3.51 -7.93
CA THR A 28 -4.00 -2.49 -8.78
C THR A 28 -4.07 -1.16 -8.07
N HIS A 29 -4.10 -1.20 -6.74
CA HIS A 29 -4.17 0.02 -5.94
C HIS A 29 -2.86 0.80 -6.02
N GLU A 30 -1.81 0.13 -6.46
CA GLU A 30 -0.50 0.76 -6.58
C GLU A 30 -0.41 1.59 -7.86
N ARG A 31 -1.26 1.26 -8.83
CA ARG A 31 -1.29 1.98 -10.09
C ARG A 31 -1.60 3.45 -9.88
N ILE A 32 -2.60 3.73 -9.06
CA ILE A 32 -3.00 5.10 -8.76
C ILE A 32 -1.82 5.91 -8.24
N HIS A 33 -0.85 5.22 -7.64
CA HIS A 33 0.33 5.88 -7.09
C HIS A 33 1.41 6.04 -8.16
N THR A 34 1.44 5.10 -9.11
CA THR A 34 2.42 5.13 -10.19
C THR A 34 1.99 6.08 -11.30
N GLY A 35 2.17 7.37 -11.07
CA GLY A 35 1.79 8.36 -12.07
C GLY A 35 2.96 8.79 -12.92
N GLU A 36 3.47 7.87 -13.74
CA GLU A 36 4.59 8.16 -14.62
C GLU A 36 4.18 8.09 -16.08
N SER A 37 3.16 8.88 -16.43
CA SER A 37 2.66 8.90 -17.80
C SER A 37 2.73 10.32 -18.38
N GLY A 38 2.23 11.29 -17.62
CA GLY A 38 2.24 12.67 -18.07
C GLY A 38 2.27 13.65 -16.91
N PRO A 39 1.14 13.79 -16.21
CA PRO A 39 1.01 14.70 -15.07
C PRO A 39 1.83 14.23 -13.87
N SER A 40 2.83 15.02 -13.49
CA SER A 40 3.68 14.69 -12.36
C SER A 40 4.14 15.96 -11.64
N SER A 41 4.39 15.83 -10.34
CA SER A 41 4.82 16.96 -9.52
C SER A 41 6.33 16.91 -9.30
N GLY A 42 7.08 16.69 -10.38
CA GLY A 42 8.52 16.63 -10.28
C GLY A 42 9.06 15.23 -10.47
ZN ZN B . -2.26 3.53 -1.59
N GLY A 1 11.33 3.17 21.72
CA GLY A 1 10.52 2.10 21.15
C GLY A 1 10.20 1.02 22.15
N SER A 2 9.24 0.17 21.81
CA SER A 2 8.83 -0.92 22.69
C SER A 2 8.29 -2.10 21.88
N SER A 3 8.42 -3.29 22.44
CA SER A 3 7.95 -4.50 21.77
C SER A 3 6.52 -4.85 22.21
N GLY A 4 5.64 -5.02 21.24
CA GLY A 4 4.25 -5.35 21.53
C GLY A 4 3.45 -5.65 20.29
N SER A 5 3.37 -4.68 19.39
CA SER A 5 2.62 -4.84 18.15
C SER A 5 3.54 -4.77 16.94
N SER A 6 3.37 -5.71 16.01
CA SER A 6 4.19 -5.75 14.81
C SER A 6 3.35 -5.50 13.57
N GLY A 7 2.08 -5.91 13.64
CA GLY A 7 1.18 -5.73 12.51
C GLY A 7 0.80 -7.04 11.86
N GLU A 8 -0.43 -7.48 12.10
CA GLU A 8 -0.92 -8.74 11.54
C GLU A 8 -1.99 -8.48 10.48
N LYS A 9 -1.82 -7.41 9.73
CA LYS A 9 -2.77 -7.05 8.68
C LYS A 9 -2.26 -7.49 7.31
N PRO A 10 -3.18 -7.58 6.34
CA PRO A 10 -2.85 -8.00 4.97
C PRO A 10 -2.04 -6.94 4.22
N TYR A 11 -1.94 -7.09 2.91
CA TYR A 11 -1.19 -6.15 2.09
C TYR A 11 -1.61 -4.71 2.38
N VAL A 12 -0.74 -3.99 3.08
CA VAL A 12 -1.02 -2.60 3.42
C VAL A 12 -0.24 -1.64 2.53
N CYS A 13 -0.91 -0.62 2.01
CA CYS A 13 -0.28 0.36 1.15
C CYS A 13 0.69 1.24 1.93
N THR A 14 1.92 1.32 1.46
CA THR A 14 2.95 2.13 2.12
C THR A 14 3.07 3.50 1.47
N GLU A 15 1.96 4.00 0.93
CA GLU A 15 1.93 5.31 0.28
C GLU A 15 0.82 6.18 0.86
N CYS A 16 -0.35 5.59 1.06
CA CYS A 16 -1.49 6.31 1.60
C CYS A 16 -1.95 5.69 2.91
N GLY A 17 -1.78 4.38 3.03
CA GLY A 17 -2.18 3.69 4.24
C GLY A 17 -3.53 3.01 4.10
N LYS A 18 -3.53 1.80 3.57
CA LYS A 18 -4.77 1.04 3.38
C LYS A 18 -4.48 -0.45 3.27
N ALA A 19 -5.19 -1.24 4.07
CA ALA A 19 -5.02 -2.70 4.06
C ALA A 19 -5.97 -3.36 3.08
N PHE A 20 -5.48 -4.41 2.41
CA PHE A 20 -6.29 -5.13 1.43
C PHE A 20 -6.20 -6.63 1.66
N ILE A 21 -7.24 -7.20 2.26
CA ILE A 21 -7.28 -8.64 2.53
C ILE A 21 -7.13 -9.44 1.25
N ARG A 22 -7.61 -8.89 0.15
CA ARG A 22 -7.54 -9.56 -1.15
C ARG A 22 -6.15 -9.38 -1.76
N LYS A 23 -5.84 -10.20 -2.76
CA LYS A 23 -4.56 -10.15 -3.43
C LYS A 23 -4.71 -9.60 -4.85
N SER A 24 -5.71 -8.76 -5.05
CA SER A 24 -5.97 -8.17 -6.37
C SER A 24 -5.97 -6.65 -6.29
N HIS A 25 -6.90 -6.11 -5.50
CA HIS A 25 -7.02 -4.67 -5.34
C HIS A 25 -5.68 -4.05 -4.93
N PHE A 26 -4.97 -4.72 -4.02
CA PHE A 26 -3.68 -4.24 -3.56
C PHE A 26 -2.74 -3.98 -4.73
N ILE A 27 -2.63 -4.97 -5.62
CA ILE A 27 -1.77 -4.84 -6.79
C ILE A 27 -2.29 -3.78 -7.76
N THR A 28 -3.62 -3.65 -7.81
CA THR A 28 -4.25 -2.67 -8.69
C THR A 28 -4.52 -1.36 -7.95
N HIS A 29 -3.81 -1.15 -6.86
CA HIS A 29 -3.98 0.07 -6.07
C HIS A 29 -2.69 0.89 -6.05
N GLU A 30 -1.58 0.25 -6.40
CA GLU A 30 -0.29 0.93 -6.44
C GLU A 30 -0.14 1.75 -7.71
N ARG A 31 -0.88 1.36 -8.75
CA ARG A 31 -0.83 2.05 -10.03
C ARG A 31 -1.19 3.53 -9.86
N ILE A 32 -2.26 3.78 -9.13
CA ILE A 32 -2.73 5.15 -8.90
C ILE A 32 -1.60 6.03 -8.36
N HIS A 33 -0.66 5.40 -7.65
CA HIS A 33 0.47 6.12 -7.09
C HIS A 33 1.63 6.20 -8.09
N THR A 34 1.95 5.06 -8.70
CA THR A 34 3.03 5.00 -9.67
C THR A 34 2.61 5.63 -11.00
N GLY A 35 2.55 6.96 -11.02
CA GLY A 35 2.16 7.66 -12.24
C GLY A 35 1.99 9.15 -12.01
N GLU A 36 3.12 9.86 -11.89
CA GLU A 36 3.08 11.30 -11.65
C GLU A 36 4.27 11.98 -12.33
N SER A 37 4.30 13.31 -12.27
CA SER A 37 5.37 14.08 -12.88
C SER A 37 6.55 14.22 -11.92
N GLY A 38 7.12 13.08 -11.52
CA GLY A 38 8.24 13.11 -10.60
C GLY A 38 7.84 12.73 -9.18
N PRO A 39 7.49 11.45 -8.98
CA PRO A 39 7.08 10.94 -7.67
C PRO A 39 8.24 10.88 -6.69
N SER A 40 7.93 10.59 -5.43
CA SER A 40 8.95 10.51 -4.39
C SER A 40 9.88 9.32 -4.64
N SER A 41 11.04 9.60 -5.20
CA SER A 41 12.02 8.56 -5.50
C SER A 41 13.27 8.73 -4.64
N GLY A 42 13.83 7.60 -4.21
CA GLY A 42 15.03 7.63 -3.39
C GLY A 42 14.91 6.75 -2.16
ZN ZN B . -2.49 3.64 -1.65
N GLY A 1 11.96 5.36 20.97
CA GLY A 1 10.57 5.01 20.74
C GLY A 1 10.28 3.55 21.05
N SER A 2 9.38 3.33 22.00
CA SER A 2 9.01 1.98 22.40
C SER A 2 8.49 1.18 21.21
N SER A 3 8.86 -0.09 21.14
CA SER A 3 8.42 -0.96 20.05
C SER A 3 7.20 -1.76 20.45
N GLY A 4 6.02 -1.20 20.19
CA GLY A 4 4.78 -1.88 20.52
C GLY A 4 4.37 -2.89 19.47
N SER A 5 3.07 -2.94 19.18
CA SER A 5 2.54 -3.87 18.20
C SER A 5 1.28 -3.32 17.54
N SER A 6 1.20 -3.45 16.22
CA SER A 6 0.06 -2.96 15.47
C SER A 6 -0.93 -4.08 15.19
N GLY A 7 -0.43 -5.18 14.63
CA GLY A 7 -1.27 -6.31 14.31
C GLY A 7 -1.00 -6.88 12.94
N GLU A 8 -1.13 -8.20 12.81
CA GLU A 8 -0.88 -8.87 11.54
C GLU A 8 -1.97 -8.55 10.53
N LYS A 9 -1.68 -7.63 9.61
CA LYS A 9 -2.64 -7.23 8.59
C LYS A 9 -2.12 -7.58 7.20
N PRO A 10 -3.05 -7.64 6.23
CA PRO A 10 -2.71 -7.95 4.84
C PRO A 10 -1.92 -6.84 4.16
N TYR A 11 -1.82 -6.91 2.84
CA TYR A 11 -1.09 -5.90 2.07
C TYR A 11 -1.54 -4.49 2.45
N VAL A 12 -0.65 -3.75 3.10
CA VAL A 12 -0.96 -2.38 3.52
C VAL A 12 -0.16 -1.37 2.70
N CYS A 13 -0.87 -0.51 1.99
CA CYS A 13 -0.23 0.51 1.17
C CYS A 13 0.72 1.37 2.00
N THR A 14 1.94 1.54 1.50
CA THR A 14 2.95 2.33 2.21
C THR A 14 3.04 3.73 1.62
N GLU A 15 1.93 4.23 1.07
CA GLU A 15 1.89 5.56 0.48
C GLU A 15 0.75 6.38 1.06
N CYS A 16 -0.41 5.76 1.19
CA CYS A 16 -1.59 6.43 1.73
C CYS A 16 -2.04 5.77 3.04
N GLY A 17 -1.77 4.48 3.17
CA GLY A 17 -2.15 3.75 4.36
C GLY A 17 -3.50 3.08 4.22
N LYS A 18 -3.51 1.86 3.69
CA LYS A 18 -4.75 1.12 3.50
C LYS A 18 -4.46 -0.37 3.34
N ALA A 19 -5.14 -1.19 4.15
CA ALA A 19 -4.96 -2.63 4.09
C ALA A 19 -5.89 -3.26 3.07
N PHE A 20 -5.41 -4.31 2.40
CA PHE A 20 -6.20 -5.00 1.39
C PHE A 20 -6.10 -6.51 1.56
N ILE A 21 -7.12 -7.11 2.16
CA ILE A 21 -7.14 -8.54 2.38
C ILE A 21 -7.02 -9.31 1.07
N ARG A 22 -7.56 -8.72 -0.01
CA ARG A 22 -7.51 -9.34 -1.32
C ARG A 22 -6.13 -9.14 -1.97
N LYS A 23 -5.75 -10.07 -2.83
CA LYS A 23 -4.46 -9.99 -3.51
C LYS A 23 -4.64 -9.50 -4.95
N SER A 24 -5.70 -8.74 -5.18
CA SER A 24 -5.99 -8.21 -6.51
C SER A 24 -6.16 -6.69 -6.47
N HIS A 25 -6.92 -6.22 -5.50
CA HIS A 25 -7.15 -4.78 -5.34
C HIS A 25 -5.86 -4.06 -4.95
N PHE A 26 -4.97 -4.78 -4.28
CA PHE A 26 -3.70 -4.20 -3.85
C PHE A 26 -2.79 -3.94 -5.04
N ILE A 27 -2.60 -4.97 -5.87
CA ILE A 27 -1.75 -4.86 -7.05
C ILE A 27 -2.22 -3.72 -7.96
N THR A 28 -3.53 -3.47 -7.96
CA THR A 28 -4.10 -2.42 -8.79
C THR A 28 -4.11 -1.09 -8.04
N HIS A 29 -4.12 -1.16 -6.71
CA HIS A 29 -4.12 0.04 -5.89
C HIS A 29 -2.77 0.75 -5.93
N GLU A 30 -1.75 0.02 -6.40
CA GLU A 30 -0.41 0.58 -6.48
C GLU A 30 -0.25 1.42 -7.75
N ARG A 31 -1.09 1.14 -8.75
CA ARG A 31 -1.04 1.88 -10.01
C ARG A 31 -1.32 3.35 -9.79
N ILE A 32 -2.34 3.65 -8.98
CA ILE A 32 -2.72 5.02 -8.69
C ILE A 32 -1.55 5.80 -8.12
N HIS A 33 -0.60 5.08 -7.51
CA HIS A 33 0.58 5.71 -6.93
C HIS A 33 1.75 5.68 -7.90
N THR A 34 1.77 4.67 -8.76
CA THR A 34 2.83 4.51 -9.74
C THR A 34 2.36 4.91 -11.13
N GLY A 35 1.59 5.99 -11.20
CA GLY A 35 1.08 6.46 -12.48
C GLY A 35 1.90 7.61 -13.04
N GLU A 36 2.11 8.63 -12.21
CA GLU A 36 2.89 9.79 -12.64
C GLU A 36 4.29 9.39 -13.07
N SER A 37 4.91 10.24 -13.88
CA SER A 37 6.26 9.97 -14.38
C SER A 37 7.31 10.62 -13.49
N GLY A 38 7.12 10.50 -12.18
CA GLY A 38 8.07 11.09 -11.24
C GLY A 38 7.88 10.56 -9.83
N PRO A 39 8.23 9.28 -9.64
CA PRO A 39 8.12 8.61 -8.33
C PRO A 39 9.13 9.14 -7.33
N SER A 40 9.01 8.69 -6.08
CA SER A 40 9.91 9.13 -5.02
C SER A 40 10.69 7.95 -4.45
N SER A 41 12.02 8.01 -4.56
CA SER A 41 12.88 6.95 -4.07
C SER A 41 13.05 7.04 -2.56
N GLY A 42 13.09 8.26 -2.05
CA GLY A 42 13.23 8.47 -0.62
C GLY A 42 14.58 9.08 -0.27
ZN ZN B . -2.46 3.74 -1.46
N GLY A 1 8.19 7.97 21.45
CA GLY A 1 7.60 7.60 20.18
C GLY A 1 6.76 6.35 20.26
N SER A 2 5.44 6.53 20.34
CA SER A 2 4.52 5.40 20.43
C SER A 2 4.20 4.85 19.04
N SER A 3 4.70 3.66 18.75
CA SER A 3 4.47 3.02 17.46
C SER A 3 4.68 1.51 17.54
N GLY A 4 4.28 0.80 16.50
CA GLY A 4 4.44 -0.64 16.48
C GLY A 4 3.24 -1.36 15.90
N SER A 5 3.10 -2.64 16.22
CA SER A 5 1.98 -3.43 15.72
C SER A 5 1.63 -4.54 16.70
N SER A 6 0.41 -4.48 17.25
CA SER A 6 -0.04 -5.48 18.20
C SER A 6 -0.88 -6.54 17.51
N GLY A 7 -0.54 -6.85 16.26
CA GLY A 7 -1.27 -7.84 15.51
C GLY A 7 -0.67 -8.10 14.14
N GLU A 8 -1.51 -8.22 13.14
CA GLU A 8 -1.05 -8.47 11.77
C GLU A 8 -2.14 -8.13 10.76
N LYS A 9 -1.75 -7.52 9.65
CA LYS A 9 -2.69 -7.15 8.59
C LYS A 9 -2.15 -7.55 7.22
N PRO A 10 -3.06 -7.63 6.24
CA PRO A 10 -2.70 -7.99 4.86
C PRO A 10 -1.90 -6.90 4.17
N TYR A 11 -1.78 -7.01 2.85
CA TYR A 11 -1.04 -6.03 2.06
C TYR A 11 -1.49 -4.61 2.39
N VAL A 12 -0.65 -3.88 3.13
CA VAL A 12 -0.97 -2.52 3.51
C VAL A 12 -0.19 -1.52 2.66
N CYS A 13 -0.92 -0.63 2.00
CA CYS A 13 -0.31 0.39 1.14
C CYS A 13 0.67 1.25 1.93
N THR A 14 1.91 1.32 1.46
CA THR A 14 2.94 2.12 2.12
C THR A 14 3.05 3.51 1.50
N GLU A 15 1.93 4.01 0.97
CA GLU A 15 1.91 5.33 0.35
C GLU A 15 0.81 6.20 0.96
N CYS A 16 -0.37 5.63 1.11
CA CYS A 16 -1.51 6.35 1.68
C CYS A 16 -1.96 5.69 2.98
N GLY A 17 -1.75 4.39 3.09
CA GLY A 17 -2.15 3.67 4.29
C GLY A 17 -3.50 3.01 4.13
N LYS A 18 -3.50 1.78 3.61
CA LYS A 18 -4.74 1.03 3.42
C LYS A 18 -4.45 -0.45 3.27
N ALA A 19 -5.11 -1.26 4.10
CA ALA A 19 -4.93 -2.71 4.06
C ALA A 19 -5.84 -3.35 3.03
N PHE A 20 -5.36 -4.42 2.39
CA PHE A 20 -6.13 -5.12 1.37
C PHE A 20 -6.02 -6.62 1.55
N ILE A 21 -7.06 -7.23 2.13
CA ILE A 21 -7.09 -8.66 2.35
C ILE A 21 -6.92 -9.43 1.04
N ARG A 22 -7.38 -8.83 -0.05
CA ARG A 22 -7.28 -9.45 -1.36
C ARG A 22 -5.94 -9.15 -2.01
N LYS A 23 -5.47 -10.07 -2.86
CA LYS A 23 -4.19 -9.90 -3.54
C LYS A 23 -4.41 -9.35 -4.95
N SER A 24 -5.50 -8.63 -5.14
CA SER A 24 -5.82 -8.03 -6.44
C SER A 24 -6.05 -6.53 -6.31
N HIS A 25 -6.87 -6.14 -5.33
CA HIS A 25 -7.17 -4.74 -5.11
C HIS A 25 -5.91 -3.95 -4.77
N PHE A 26 -4.98 -4.62 -4.08
CA PHE A 26 -3.72 -3.98 -3.68
C PHE A 26 -2.90 -3.62 -4.91
N ILE A 27 -2.59 -4.61 -5.73
CA ILE A 27 -1.80 -4.41 -6.94
C ILE A 27 -2.39 -3.28 -7.79
N THR A 28 -3.70 -3.36 -8.02
CA THR A 28 -4.38 -2.35 -8.82
C THR A 28 -4.41 -1.00 -8.11
N HIS A 29 -4.31 -1.03 -6.79
CA HIS A 29 -4.31 0.19 -5.99
C HIS A 29 -2.94 0.85 -6.00
N GLU A 30 -1.92 0.08 -6.40
CA GLU A 30 -0.56 0.60 -6.45
C GLU A 30 -0.33 1.41 -7.73
N ARG A 31 -1.13 1.13 -8.74
CA ARG A 31 -1.02 1.83 -10.02
C ARG A 31 -1.27 3.33 -9.85
N ILE A 32 -2.32 3.66 -9.09
CA ILE A 32 -2.66 5.05 -8.85
C ILE A 32 -1.49 5.81 -8.24
N HIS A 33 -0.59 5.08 -7.58
CA HIS A 33 0.58 5.69 -6.95
C HIS A 33 1.78 5.62 -7.88
N THR A 34 1.79 4.64 -8.76
CA THR A 34 2.89 4.46 -9.71
C THR A 34 2.48 4.93 -11.11
N GLY A 35 1.59 5.91 -11.17
CA GLY A 35 1.14 6.43 -12.44
C GLY A 35 1.96 7.61 -12.92
N GLU A 36 2.02 7.80 -14.23
CA GLU A 36 2.78 8.90 -14.80
C GLU A 36 1.87 9.83 -15.60
N SER A 37 2.16 11.13 -15.55
CA SER A 37 1.36 12.12 -16.26
C SER A 37 -0.10 12.07 -15.82
N GLY A 38 -0.32 11.65 -14.57
CA GLY A 38 -1.67 11.56 -14.04
C GLY A 38 -1.76 12.04 -12.61
N PRO A 39 -1.28 11.21 -11.67
CA PRO A 39 -1.29 11.51 -10.24
C PRO A 39 -0.33 12.64 -9.89
N SER A 40 0.61 12.93 -10.78
CA SER A 40 1.59 13.97 -10.56
C SER A 40 1.06 15.32 -11.03
N SER A 41 0.78 16.21 -10.08
CA SER A 41 0.26 17.54 -10.40
C SER A 41 1.14 18.63 -9.77
N GLY A 42 1.20 18.63 -8.44
CA GLY A 42 2.00 19.61 -7.74
C GLY A 42 2.55 19.09 -6.43
ZN ZN B . -2.53 3.75 -1.55
N GLY A 1 6.18 1.29 20.04
CA GLY A 1 6.13 2.32 19.02
C GLY A 1 6.77 1.89 17.72
N SER A 2 8.09 1.74 17.74
CA SER A 2 8.83 1.33 16.55
C SER A 2 9.06 -0.17 16.54
N SER A 3 9.60 -0.69 17.63
CA SER A 3 9.87 -2.11 17.76
C SER A 3 8.63 -2.87 18.19
N GLY A 4 8.76 -4.19 18.30
CA GLY A 4 7.63 -5.02 18.71
C GLY A 4 6.97 -5.72 17.53
N SER A 5 6.20 -6.76 17.83
CA SER A 5 5.53 -7.53 16.78
C SER A 5 4.08 -7.08 16.64
N SER A 6 3.86 -6.01 15.90
CA SER A 6 2.52 -5.47 15.69
C SER A 6 2.10 -5.62 14.23
N GLY A 7 0.90 -5.13 13.91
CA GLY A 7 0.40 -5.21 12.55
C GLY A 7 -0.67 -6.28 12.39
N GLU A 8 -0.25 -7.47 11.98
CA GLU A 8 -1.18 -8.58 11.78
C GLU A 8 -2.27 -8.19 10.77
N LYS A 9 -1.86 -7.59 9.67
CA LYS A 9 -2.79 -7.18 8.63
C LYS A 9 -2.27 -7.56 7.25
N PRO A 10 -3.18 -7.61 6.26
CA PRO A 10 -2.83 -7.96 4.88
C PRO A 10 -2.01 -6.87 4.20
N TYR A 11 -1.90 -6.97 2.88
CA TYR A 11 -1.13 -6.00 2.10
C TYR A 11 -1.54 -4.57 2.46
N VAL A 12 -0.70 -3.87 3.21
CA VAL A 12 -0.97 -2.51 3.62
C VAL A 12 -0.17 -1.52 2.80
N CYS A 13 -0.87 -0.65 2.07
CA CYS A 13 -0.22 0.35 1.23
C CYS A 13 0.71 1.24 2.07
N THR A 14 1.96 1.33 1.66
CA THR A 14 2.95 2.14 2.37
C THR A 14 3.08 3.52 1.74
N GLU A 15 1.99 3.99 1.13
CA GLU A 15 1.98 5.30 0.48
C GLU A 15 0.87 6.18 1.05
N CYS A 16 -0.31 5.60 1.21
CA CYS A 16 -1.45 6.33 1.75
C CYS A 16 -1.92 5.72 3.06
N GLY A 17 -1.72 4.41 3.21
CA GLY A 17 -2.13 3.73 4.42
C GLY A 17 -3.48 3.05 4.29
N LYS A 18 -3.48 1.86 3.71
CA LYS A 18 -4.72 1.10 3.51
C LYS A 18 -4.43 -0.39 3.37
N ALA A 19 -5.14 -1.21 4.14
CA ALA A 19 -4.95 -2.65 4.09
C ALA A 19 -5.90 -3.29 3.08
N PHE A 20 -5.41 -4.30 2.36
CA PHE A 20 -6.21 -5.00 1.37
C PHE A 20 -6.14 -6.51 1.56
N ILE A 21 -7.19 -7.07 2.13
CA ILE A 21 -7.24 -8.50 2.38
C ILE A 21 -7.13 -9.29 1.07
N ARG A 22 -7.55 -8.67 -0.02
CA ARG A 22 -7.49 -9.31 -1.33
C ARG A 22 -6.11 -9.12 -1.96
N LYS A 23 -5.72 -10.07 -2.82
CA LYS A 23 -4.44 -10.01 -3.49
C LYS A 23 -4.59 -9.52 -4.93
N SER A 24 -5.65 -8.76 -5.18
CA SER A 24 -5.92 -8.23 -6.51
C SER A 24 -6.06 -6.71 -6.48
N HIS A 25 -6.85 -6.22 -5.52
CA HIS A 25 -7.08 -4.79 -5.38
C HIS A 25 -5.80 -4.07 -4.96
N PHE A 26 -4.91 -4.80 -4.30
CA PHE A 26 -3.64 -4.24 -3.85
C PHE A 26 -2.70 -3.99 -5.02
N ILE A 27 -2.56 -5.00 -5.88
CA ILE A 27 -1.69 -4.89 -7.03
C ILE A 27 -2.14 -3.76 -7.96
N THR A 28 -3.44 -3.49 -7.96
CA THR A 28 -4.00 -2.44 -8.79
C THR A 28 -4.02 -1.10 -8.05
N HIS A 29 -4.06 -1.16 -6.72
CA HIS A 29 -4.09 0.03 -5.91
C HIS A 29 -2.75 0.76 -5.97
N GLU A 30 -1.71 0.07 -6.44
CA GLU A 30 -0.39 0.65 -6.55
C GLU A 30 -0.27 1.49 -7.82
N ARG A 31 -1.11 1.19 -8.80
CA ARG A 31 -1.11 1.93 -10.06
C ARG A 31 -1.42 3.40 -9.84
N ILE A 32 -2.43 3.66 -9.03
CA ILE A 32 -2.84 5.03 -8.74
C ILE A 32 -1.68 5.84 -8.18
N HIS A 33 -0.71 5.16 -7.58
CA HIS A 33 0.46 5.81 -7.01
C HIS A 33 1.60 5.87 -8.04
N THR A 34 1.71 4.83 -8.85
CA THR A 34 2.75 4.77 -9.86
C THR A 34 2.26 5.34 -11.20
N GLY A 35 1.60 6.48 -11.12
CA GLY A 35 1.09 7.12 -12.32
C GLY A 35 1.46 8.59 -12.40
N GLU A 36 0.75 9.34 -13.25
CA GLU A 36 1.01 10.76 -13.41
C GLU A 36 -0.29 11.57 -13.30
N SER A 37 -1.05 11.28 -12.25
CA SER A 37 -2.33 11.97 -12.03
C SER A 37 -2.11 13.24 -11.20
N GLY A 38 -1.30 14.16 -11.73
CA GLY A 38 -1.03 15.40 -11.03
C GLY A 38 -0.16 16.34 -11.84
N PRO A 39 0.29 17.43 -11.21
CA PRO A 39 1.14 18.44 -11.86
C PRO A 39 2.54 17.91 -12.15
N SER A 40 3.16 17.29 -11.15
CA SER A 40 4.50 16.74 -11.29
C SER A 40 4.53 15.68 -12.39
N SER A 41 5.52 15.77 -13.26
CA SER A 41 5.66 14.82 -14.36
C SER A 41 7.03 14.12 -14.29
N GLY A 42 8.09 14.92 -14.34
CA GLY A 42 9.43 14.38 -14.30
C GLY A 42 10.39 15.09 -15.23
ZN ZN B . -2.32 3.68 -1.53
N GLY A 1 0.03 -17.21 32.70
CA GLY A 1 1.09 -17.18 31.72
C GLY A 1 0.59 -16.76 30.34
N SER A 2 -0.30 -15.78 30.31
CA SER A 2 -0.85 -15.29 29.05
C SER A 2 0.22 -14.59 28.22
N SER A 3 0.57 -15.18 27.09
CA SER A 3 1.58 -14.62 26.21
C SER A 3 1.46 -15.18 24.80
N GLY A 4 2.11 -14.52 23.85
CA GLY A 4 2.06 -14.97 22.47
C GLY A 4 1.18 -14.07 21.61
N SER A 5 1.51 -12.79 21.55
CA SER A 5 0.75 -11.83 20.76
C SER A 5 0.85 -12.14 19.27
N SER A 6 -0.29 -12.19 18.60
CA SER A 6 -0.34 -12.49 17.18
C SER A 6 -1.43 -11.68 16.48
N GLY A 7 -1.02 -10.71 15.68
CA GLY A 7 -1.98 -9.88 14.96
C GLY A 7 -1.33 -9.05 13.88
N GLU A 8 -1.54 -9.45 12.63
CA GLU A 8 -0.97 -8.73 11.50
C GLU A 8 -2.03 -8.45 10.44
N LYS A 9 -1.79 -7.43 9.63
CA LYS A 9 -2.73 -7.05 8.57
C LYS A 9 -2.18 -7.45 7.20
N PRO A 10 -3.09 -7.53 6.21
CA PRO A 10 -2.73 -7.90 4.84
C PRO A 10 -1.92 -6.81 4.14
N TYR A 11 -1.79 -6.92 2.82
CA TYR A 11 -1.04 -5.95 2.04
C TYR A 11 -1.49 -4.52 2.37
N VAL A 12 -0.66 -3.82 3.13
CA VAL A 12 -0.97 -2.44 3.51
C VAL A 12 -0.21 -1.45 2.65
N CYS A 13 -0.95 -0.59 1.96
CA CYS A 13 -0.33 0.42 1.09
C CYS A 13 0.63 1.30 1.88
N THR A 14 1.86 1.40 1.39
CA THR A 14 2.88 2.21 2.05
C THR A 14 2.96 3.60 1.42
N GLU A 15 1.86 4.04 0.84
CA GLU A 15 1.81 5.36 0.21
C GLU A 15 0.70 6.21 0.82
N CYS A 16 -0.44 5.59 1.09
CA CYS A 16 -1.58 6.29 1.68
C CYS A 16 -1.94 5.69 3.04
N GLY A 17 -1.71 4.39 3.18
CA GLY A 17 -2.03 3.71 4.43
C GLY A 17 -3.39 3.05 4.41
N LYS A 18 -3.46 1.88 3.78
CA LYS A 18 -4.72 1.14 3.70
C LYS A 18 -4.45 -0.36 3.50
N ALA A 19 -5.12 -1.18 4.31
CA ALA A 19 -4.96 -2.62 4.24
C ALA A 19 -5.86 -3.22 3.16
N PHE A 20 -5.40 -4.28 2.52
CA PHE A 20 -6.16 -4.94 1.48
C PHE A 20 -6.07 -6.46 1.61
N ILE A 21 -7.11 -7.07 2.18
CA ILE A 21 -7.14 -8.51 2.36
C ILE A 21 -7.06 -9.24 1.03
N ARG A 22 -7.49 -8.56 -0.04
CA ARG A 22 -7.47 -9.15 -1.38
C ARG A 22 -6.08 -9.00 -2.00
N LYS A 23 -5.68 -10.00 -2.77
CA LYS A 23 -4.39 -10.00 -3.44
C LYS A 23 -4.51 -9.50 -4.88
N SER A 24 -5.54 -8.70 -5.13
CA SER A 24 -5.77 -8.16 -6.46
C SER A 24 -6.02 -6.65 -6.41
N HIS A 25 -6.78 -6.22 -5.41
CA HIS A 25 -7.10 -4.81 -5.24
C HIS A 25 -5.85 -4.02 -4.84
N PHE A 26 -4.97 -4.67 -4.07
CA PHE A 26 -3.75 -4.03 -3.61
C PHE A 26 -2.82 -3.73 -4.79
N ILE A 27 -2.47 -4.77 -5.54
CA ILE A 27 -1.60 -4.62 -6.69
C ILE A 27 -2.09 -3.51 -7.62
N THR A 28 -3.39 -3.52 -7.90
CA THR A 28 -3.99 -2.52 -8.77
C THR A 28 -4.03 -1.15 -8.09
N HIS A 29 -4.22 -1.15 -6.78
CA HIS A 29 -4.28 0.09 -6.02
C HIS A 29 -2.92 0.79 -6.02
N GLU A 30 -1.88 0.05 -6.37
CA GLU A 30 -0.53 0.60 -6.41
C GLU A 30 -0.30 1.38 -7.70
N ARG A 31 -1.07 1.06 -8.73
CA ARG A 31 -0.95 1.73 -10.02
C ARG A 31 -1.25 3.21 -9.89
N ILE A 32 -2.32 3.54 -9.18
CA ILE A 32 -2.72 4.92 -8.97
C ILE A 32 -1.58 5.74 -8.36
N HIS A 33 -0.68 5.05 -7.65
CA HIS A 33 0.46 5.72 -7.02
C HIS A 33 1.64 5.77 -7.98
N THR A 34 1.73 4.80 -8.88
CA THR A 34 2.82 4.75 -9.85
C THR A 34 2.41 5.39 -11.16
N GLY A 35 2.25 6.71 -11.15
CA GLY A 35 1.87 7.42 -12.36
C GLY A 35 1.68 8.91 -12.12
N GLU A 36 0.46 9.39 -12.35
CA GLU A 36 0.14 10.80 -12.15
C GLU A 36 -0.22 11.08 -10.70
N SER A 37 -1.18 10.33 -10.19
CA SER A 37 -1.63 10.49 -8.81
C SER A 37 -2.24 11.88 -8.60
N GLY A 38 -3.15 12.26 -9.48
CA GLY A 38 -3.79 13.56 -9.39
C GLY A 38 -5.17 13.58 -10.01
N PRO A 39 -6.12 12.87 -9.38
CA PRO A 39 -7.50 12.80 -9.86
C PRO A 39 -8.24 14.12 -9.71
N SER A 40 -7.92 14.85 -8.66
CA SER A 40 -8.56 16.14 -8.39
C SER A 40 -7.81 17.27 -9.09
N SER A 41 -6.49 17.12 -9.18
CA SER A 41 -5.65 18.14 -9.82
C SER A 41 -5.76 19.47 -9.09
N GLY A 42 -5.53 19.43 -7.78
CA GLY A 42 -5.59 20.65 -6.99
C GLY A 42 -4.47 20.73 -5.97
ZN ZN B . -2.62 3.65 -1.62
N GLY A 1 13.69 3.52 24.52
CA GLY A 1 12.94 2.94 23.41
C GLY A 1 12.14 1.72 23.83
N SER A 2 10.86 1.71 23.47
CA SER A 2 9.98 0.60 23.81
C SER A 2 9.64 -0.23 22.58
N SER A 3 9.90 -1.53 22.66
CA SER A 3 9.62 -2.44 21.54
C SER A 3 8.53 -3.44 21.91
N GLY A 4 7.58 -3.64 21.01
CA GLY A 4 6.50 -4.57 21.26
C GLY A 4 5.24 -4.21 20.51
N SER A 5 5.17 -4.60 19.24
CA SER A 5 4.00 -4.31 18.41
C SER A 5 3.40 -5.59 17.85
N SER A 6 2.11 -5.54 17.55
CA SER A 6 1.40 -6.70 17.01
C SER A 6 0.59 -6.32 15.78
N GLY A 7 1.27 -6.19 14.64
CA GLY A 7 0.59 -5.83 13.42
C GLY A 7 0.51 -6.98 12.44
N GLU A 8 -0.65 -7.62 12.37
CA GLU A 8 -0.84 -8.76 11.48
C GLU A 8 -1.94 -8.45 10.45
N LYS A 9 -1.65 -7.54 9.54
CA LYS A 9 -2.61 -7.15 8.50
C LYS A 9 -2.09 -7.52 7.11
N PRO A 10 -3.01 -7.60 6.15
CA PRO A 10 -2.66 -7.94 4.76
C PRO A 10 -1.88 -6.83 4.07
N TYR A 11 -1.77 -6.93 2.75
CA TYR A 11 -1.04 -5.94 1.96
C TYR A 11 -1.50 -4.52 2.32
N VAL A 12 -0.67 -3.81 3.07
CA VAL A 12 -0.98 -2.45 3.49
C VAL A 12 -0.24 -1.44 2.63
N CYS A 13 -0.99 -0.57 1.96
CA CYS A 13 -0.39 0.46 1.10
C CYS A 13 0.61 1.29 1.88
N THR A 14 1.83 1.39 1.34
CA THR A 14 2.88 2.16 1.98
C THR A 14 2.98 3.56 1.39
N GLU A 15 1.85 4.09 0.95
CA GLU A 15 1.81 5.43 0.36
C GLU A 15 0.68 6.26 0.97
N CYS A 16 -0.49 5.64 1.11
CA CYS A 16 -1.66 6.32 1.66
C CYS A 16 -2.06 5.69 2.99
N GLY A 17 -1.77 4.40 3.14
CA GLY A 17 -2.12 3.70 4.37
C GLY A 17 -3.48 3.04 4.30
N LYS A 18 -3.52 1.85 3.72
CA LYS A 18 -4.77 1.10 3.60
C LYS A 18 -4.50 -0.39 3.43
N ALA A 19 -5.19 -1.20 4.24
CA ALA A 19 -5.02 -2.64 4.18
C ALA A 19 -5.94 -3.26 3.13
N PHE A 20 -5.45 -4.31 2.47
CA PHE A 20 -6.22 -4.99 1.43
C PHE A 20 -6.09 -6.50 1.57
N ILE A 21 -7.11 -7.12 2.15
CA ILE A 21 -7.11 -8.57 2.34
C ILE A 21 -7.02 -9.29 0.99
N ARG A 22 -7.48 -8.64 -0.06
CA ARG A 22 -7.44 -9.22 -1.39
C ARG A 22 -6.06 -9.06 -2.03
N LYS A 23 -5.69 -10.02 -2.86
CA LYS A 23 -4.39 -10.00 -3.54
C LYS A 23 -4.53 -9.48 -4.96
N SER A 24 -5.57 -8.70 -5.21
CA SER A 24 -5.82 -8.14 -6.54
C SER A 24 -6.08 -6.64 -6.46
N HIS A 25 -6.85 -6.23 -5.45
CA HIS A 25 -7.18 -4.82 -5.27
C HIS A 25 -5.94 -4.02 -4.88
N PHE A 26 -5.05 -4.64 -4.12
CA PHE A 26 -3.82 -3.99 -3.68
C PHE A 26 -2.91 -3.69 -4.87
N ILE A 27 -2.59 -4.73 -5.62
CA ILE A 27 -1.72 -4.58 -6.79
C ILE A 27 -2.23 -3.47 -7.72
N THR A 28 -3.54 -3.45 -7.92
CA THR A 28 -4.16 -2.44 -8.79
C THR A 28 -4.19 -1.08 -8.11
N HIS A 29 -4.35 -1.08 -6.78
CA HIS A 29 -4.39 0.16 -6.02
C HIS A 29 -3.03 0.82 -5.97
N GLU A 30 -1.99 0.04 -6.30
CA GLU A 30 -0.62 0.57 -6.30
C GLU A 30 -0.33 1.34 -7.58
N ARG A 31 -1.10 1.04 -8.62
CA ARG A 31 -0.91 1.71 -9.91
C ARG A 31 -1.18 3.21 -9.79
N ILE A 32 -2.26 3.56 -9.09
CA ILE A 32 -2.63 4.96 -8.90
C ILE A 32 -1.49 5.73 -8.25
N HIS A 33 -0.62 5.03 -7.53
CA HIS A 33 0.51 5.65 -6.87
C HIS A 33 1.75 5.63 -7.77
N THR A 34 1.98 4.50 -8.43
CA THR A 34 3.12 4.35 -9.31
C THR A 34 2.79 4.80 -10.73
N GLY A 35 3.26 5.99 -11.09
CA GLY A 35 3.00 6.52 -12.42
C GLY A 35 2.83 8.02 -12.42
N GLU A 36 3.94 8.74 -12.47
CA GLU A 36 3.91 10.20 -12.46
C GLU A 36 3.88 10.73 -13.90
N SER A 37 2.77 10.51 -14.59
CA SER A 37 2.61 10.96 -15.96
C SER A 37 1.19 10.70 -16.47
N GLY A 38 0.50 11.78 -16.81
CA GLY A 38 -0.87 11.66 -17.30
C GLY A 38 -1.37 12.93 -17.94
N PRO A 39 -2.66 12.94 -18.30
CA PRO A 39 -3.30 14.10 -18.93
C PRO A 39 -3.45 15.27 -17.97
N SER A 40 -3.45 14.97 -16.67
CA SER A 40 -3.59 16.01 -15.64
C SER A 40 -2.55 17.10 -15.83
N SER A 41 -2.99 18.35 -15.80
CA SER A 41 -2.09 19.48 -15.96
C SER A 41 -2.33 20.52 -14.86
N GLY A 42 -1.79 20.27 -13.68
CA GLY A 42 -1.95 21.19 -12.57
C GLY A 42 -2.82 20.62 -11.47
ZN ZN B . -2.69 3.65 -1.64
N GLY A 1 12.79 -3.93 12.94
CA GLY A 1 12.38 -2.57 12.70
C GLY A 1 11.09 -2.23 13.42
N SER A 2 11.03 -1.02 13.98
CA SER A 2 9.85 -0.57 14.71
C SER A 2 8.92 0.23 13.80
N SER A 3 9.52 1.06 12.95
CA SER A 3 8.76 1.90 12.03
C SER A 3 7.95 1.05 11.06
N GLY A 4 8.52 -0.10 10.67
CA GLY A 4 7.84 -0.99 9.75
C GLY A 4 7.07 -2.08 10.46
N SER A 5 6.70 -1.82 11.71
CA SER A 5 5.95 -2.79 12.52
C SER A 5 4.56 -2.27 12.83
N SER A 6 3.59 -2.61 11.98
CA SER A 6 2.22 -2.17 12.17
C SER A 6 1.41 -3.24 12.91
N GLY A 7 1.20 -4.37 12.25
CA GLY A 7 0.44 -5.45 12.87
C GLY A 7 0.26 -6.64 11.94
N GLU A 8 -0.65 -7.53 12.28
CA GLU A 8 -0.92 -8.72 11.47
C GLU A 8 -2.00 -8.44 10.44
N LYS A 9 -1.76 -7.44 9.61
CA LYS A 9 -2.71 -7.06 8.56
C LYS A 9 -2.22 -7.50 7.19
N PRO A 10 -3.15 -7.58 6.22
CA PRO A 10 -2.83 -7.98 4.85
C PRO A 10 -2.01 -6.94 4.11
N TYR A 11 -1.92 -7.09 2.79
CA TYR A 11 -1.16 -6.15 1.96
C TYR A 11 -1.58 -4.71 2.27
N VAL A 12 -0.71 -3.99 2.99
CA VAL A 12 -0.98 -2.61 3.35
C VAL A 12 -0.23 -1.65 2.42
N CYS A 13 -0.88 -0.54 2.08
CA CYS A 13 -0.29 0.45 1.20
C CYS A 13 0.71 1.32 1.96
N THR A 14 1.92 1.43 1.42
CA THR A 14 2.96 2.23 2.05
C THR A 14 3.02 3.64 1.45
N GLU A 15 1.88 4.11 0.95
CA GLU A 15 1.79 5.43 0.36
C GLU A 15 0.66 6.24 0.98
N CYS A 16 -0.48 5.58 1.19
CA CYS A 16 -1.65 6.24 1.77
C CYS A 16 -2.02 5.59 3.10
N GLY A 17 -1.74 4.29 3.22
CA GLY A 17 -2.06 3.58 4.45
C GLY A 17 -3.42 2.93 4.40
N LYS A 18 -3.49 1.76 3.77
CA LYS A 18 -4.75 1.02 3.65
C LYS A 18 -4.48 -0.47 3.47
N ALA A 19 -5.16 -1.29 4.28
CA ALA A 19 -5.01 -2.73 4.20
C ALA A 19 -5.91 -3.32 3.13
N PHE A 20 -5.46 -4.40 2.50
CA PHE A 20 -6.22 -5.06 1.46
C PHE A 20 -6.16 -6.58 1.62
N ILE A 21 -7.20 -7.15 2.23
CA ILE A 21 -7.27 -8.59 2.45
C ILE A 21 -7.15 -9.35 1.13
N ARG A 22 -7.53 -8.70 0.04
CA ARG A 22 -7.46 -9.31 -1.28
C ARG A 22 -6.07 -9.16 -1.88
N LYS A 23 -5.73 -10.05 -2.80
CA LYS A 23 -4.43 -10.02 -3.45
C LYS A 23 -4.54 -9.50 -4.89
N SER A 24 -5.50 -8.61 -5.11
CA SER A 24 -5.71 -8.04 -6.43
C SER A 24 -5.99 -6.54 -6.34
N HIS A 25 -6.86 -6.16 -5.39
CA HIS A 25 -7.21 -4.77 -5.20
C HIS A 25 -5.99 -3.95 -4.78
N PHE A 26 -5.04 -4.62 -4.13
CA PHE A 26 -3.82 -3.95 -3.67
C PHE A 26 -2.88 -3.65 -4.85
N ILE A 27 -2.51 -4.70 -5.57
CA ILE A 27 -1.62 -4.55 -6.71
C ILE A 27 -2.13 -3.48 -7.68
N THR A 28 -3.45 -3.48 -7.89
CA THR A 28 -4.07 -2.51 -8.79
C THR A 28 -4.14 -1.13 -8.14
N HIS A 29 -4.19 -1.10 -6.81
CA HIS A 29 -4.26 0.16 -6.08
C HIS A 29 -2.91 0.85 -6.07
N GLU A 30 -1.86 0.10 -6.39
CA GLU A 30 -0.51 0.66 -6.41
C GLU A 30 -0.25 1.40 -7.71
N ARG A 31 -1.01 1.07 -8.75
CA ARG A 31 -0.87 1.72 -10.04
C ARG A 31 -1.17 3.22 -9.94
N ILE A 32 -2.26 3.55 -9.24
CA ILE A 32 -2.65 4.94 -9.07
C ILE A 32 -1.53 5.76 -8.43
N HIS A 33 -0.65 5.07 -7.71
CA HIS A 33 0.47 5.74 -7.05
C HIS A 33 1.67 5.82 -7.98
N THR A 34 1.88 4.76 -8.77
CA THR A 34 3.01 4.72 -9.69
C THR A 34 2.69 5.48 -10.98
N GLY A 35 2.94 6.79 -10.96
CA GLY A 35 2.68 7.61 -12.13
C GLY A 35 3.95 8.08 -12.79
N GLU A 36 3.81 9.00 -13.75
CA GLU A 36 4.95 9.53 -14.48
C GLU A 36 5.04 11.04 -14.32
N SER A 37 4.51 11.54 -13.21
CA SER A 37 4.53 12.98 -12.94
C SER A 37 5.94 13.53 -13.02
N GLY A 38 6.88 12.85 -12.37
CA GLY A 38 8.27 13.29 -12.39
C GLY A 38 8.96 12.97 -13.69
N PRO A 39 10.18 13.50 -13.86
CA PRO A 39 10.98 13.30 -15.07
C PRO A 39 11.47 11.86 -15.19
N SER A 40 10.85 11.09 -16.08
CA SER A 40 11.23 9.70 -16.29
C SER A 40 12.69 9.59 -16.74
N SER A 41 13.20 8.37 -16.79
CA SER A 41 14.58 8.14 -17.20
C SER A 41 15.54 8.97 -16.36
N GLY A 42 15.23 9.11 -15.08
CA GLY A 42 16.08 9.89 -14.18
C GLY A 42 16.01 9.41 -12.75
ZN ZN B . -2.57 3.67 -1.65
N GLY A 1 2.66 -5.41 32.74
CA GLY A 1 1.38 -5.71 32.14
C GLY A 1 1.51 -6.51 30.86
N SER A 2 0.42 -7.12 30.43
CA SER A 2 0.41 -7.93 29.21
C SER A 2 0.31 -7.05 27.97
N SER A 3 0.98 -7.46 26.90
CA SER A 3 0.98 -6.71 25.66
C SER A 3 1.24 -7.63 24.47
N GLY A 4 0.25 -7.75 23.59
CA GLY A 4 0.39 -8.61 22.42
C GLY A 4 0.00 -7.89 21.14
N SER A 5 0.06 -6.57 21.15
CA SER A 5 -0.29 -5.77 19.99
C SER A 5 0.85 -5.77 18.97
N SER A 6 0.73 -6.64 17.98
CA SER A 6 1.74 -6.74 16.93
C SER A 6 1.25 -6.12 15.62
N GLY A 7 0.10 -6.59 15.16
CA GLY A 7 -0.46 -6.07 13.92
C GLY A 7 -0.15 -6.94 12.73
N GLU A 8 -1.00 -7.92 12.47
CA GLU A 8 -0.81 -8.84 11.35
C GLU A 8 -1.84 -8.59 10.25
N LYS A 9 -1.84 -7.37 9.71
CA LYS A 9 -2.78 -7.01 8.66
C LYS A 9 -2.26 -7.45 7.29
N PRO A 10 -3.17 -7.53 6.32
CA PRO A 10 -2.83 -7.93 4.94
C PRO A 10 -2.01 -6.86 4.22
N TYR A 11 -1.89 -7.01 2.91
CA TYR A 11 -1.14 -6.06 2.10
C TYR A 11 -1.56 -4.63 2.40
N VAL A 12 -0.72 -3.92 3.13
CA VAL A 12 -1.00 -2.53 3.48
C VAL A 12 -0.19 -1.56 2.63
N CYS A 13 -0.85 -0.55 2.09
CA CYS A 13 -0.19 0.45 1.25
C CYS A 13 0.73 1.32 2.09
N THR A 14 1.98 1.43 1.65
CA THR A 14 2.97 2.25 2.36
C THR A 14 3.08 3.64 1.75
N GLU A 15 2.00 4.08 1.10
CA GLU A 15 1.97 5.39 0.46
C GLU A 15 0.85 6.25 1.05
N CYS A 16 -0.34 5.66 1.17
CA CYS A 16 -1.50 6.36 1.71
C CYS A 16 -1.95 5.73 3.02
N GLY A 17 -1.73 4.42 3.15
CA GLY A 17 -2.13 3.71 4.35
C GLY A 17 -3.48 3.05 4.20
N LYS A 18 -3.49 1.87 3.57
CA LYS A 18 -4.73 1.12 3.36
C LYS A 18 -4.45 -0.37 3.25
N ALA A 19 -5.16 -1.17 4.05
CA ALA A 19 -4.99 -2.61 4.02
C ALA A 19 -5.88 -3.26 2.97
N PHE A 20 -5.42 -4.36 2.39
CA PHE A 20 -6.17 -5.07 1.37
C PHE A 20 -6.11 -6.57 1.59
N ILE A 21 -7.16 -7.13 2.18
CA ILE A 21 -7.22 -8.56 2.45
C ILE A 21 -7.05 -9.37 1.17
N ARG A 22 -7.57 -8.84 0.06
CA ARG A 22 -7.48 -9.50 -1.23
C ARG A 22 -6.12 -9.23 -1.88
N LYS A 23 -5.71 -10.13 -2.76
CA LYS A 23 -4.43 -10.00 -3.46
C LYS A 23 -4.65 -9.53 -4.90
N SER A 24 -5.64 -8.67 -5.10
CA SER A 24 -5.95 -8.16 -6.43
C SER A 24 -6.12 -6.65 -6.40
N HIS A 25 -6.87 -6.15 -5.41
CA HIS A 25 -7.11 -4.73 -5.27
C HIS A 25 -5.82 -3.99 -4.88
N PHE A 26 -4.93 -4.70 -4.20
CA PHE A 26 -3.67 -4.11 -3.78
C PHE A 26 -2.74 -3.88 -4.98
N ILE A 27 -2.57 -4.92 -5.78
CA ILE A 27 -1.70 -4.83 -6.96
C ILE A 27 -2.17 -3.72 -7.89
N THR A 28 -3.48 -3.50 -7.93
CA THR A 28 -4.05 -2.46 -8.78
C THR A 28 -4.08 -1.11 -8.07
N HIS A 29 -4.10 -1.15 -6.75
CA HIS A 29 -4.12 0.07 -5.94
C HIS A 29 -2.77 0.79 -6.01
N GLU A 30 -1.74 0.08 -6.46
CA GLU A 30 -0.41 0.65 -6.57
C GLU A 30 -0.28 1.47 -7.85
N ARG A 31 -1.13 1.17 -8.83
CA ARG A 31 -1.11 1.87 -10.10
C ARG A 31 -1.42 3.35 -9.90
N ILE A 32 -2.44 3.64 -9.11
CA ILE A 32 -2.85 5.01 -8.84
C ILE A 32 -1.69 5.82 -8.25
N HIS A 33 -0.73 5.12 -7.65
CA HIS A 33 0.42 5.76 -7.04
C HIS A 33 1.58 5.85 -8.03
N THR A 34 1.88 4.74 -8.69
CA THR A 34 2.96 4.69 -9.66
C THR A 34 2.58 5.42 -10.95
N GLY A 35 3.04 6.67 -11.06
CA GLY A 35 2.74 7.46 -12.24
C GLY A 35 3.63 8.69 -12.35
N GLU A 36 3.52 9.59 -11.39
CA GLU A 36 4.31 10.81 -11.38
C GLU A 36 5.81 10.49 -11.36
N SER A 37 6.25 9.87 -10.28
CA SER A 37 7.66 9.51 -10.13
C SER A 37 7.85 8.00 -10.29
N GLY A 38 6.96 7.37 -11.04
CA GLY A 38 7.05 5.94 -11.26
C GLY A 38 8.32 5.54 -11.99
N PRO A 39 8.39 5.86 -13.28
CA PRO A 39 9.56 5.55 -14.12
C PRO A 39 10.78 6.37 -13.74
N SER A 40 11.60 5.83 -12.84
CA SER A 40 12.81 6.51 -12.40
C SER A 40 13.86 5.52 -11.95
N SER A 41 15.12 5.94 -11.96
CA SER A 41 16.23 5.09 -11.56
C SER A 41 16.56 5.28 -10.08
N GLY A 42 16.64 6.54 -9.65
CA GLY A 42 16.95 6.83 -8.27
C GLY A 42 15.97 7.81 -7.66
ZN ZN B . -2.33 3.72 -1.46
N GLY A 1 4.60 1.32 31.37
CA GLY A 1 5.15 0.56 30.27
C GLY A 1 4.13 0.27 29.19
N SER A 2 3.97 1.19 28.25
CA SER A 2 3.02 1.02 27.17
C SER A 2 3.73 0.89 25.83
N SER A 3 3.83 -0.33 25.33
CA SER A 3 4.49 -0.59 24.06
C SER A 3 4.09 -1.95 23.50
N GLY A 4 4.58 -2.25 22.31
CA GLY A 4 4.27 -3.53 21.68
C GLY A 4 2.83 -3.58 21.16
N SER A 5 2.67 -3.96 19.90
CA SER A 5 1.36 -4.04 19.29
C SER A 5 1.33 -5.07 18.16
N SER A 6 0.52 -6.10 18.32
CA SER A 6 0.41 -7.16 17.32
C SER A 6 -0.59 -6.78 16.24
N GLY A 7 -0.16 -5.91 15.32
CA GLY A 7 -1.03 -5.49 14.24
C GLY A 7 -0.84 -6.31 12.98
N GLU A 8 -1.39 -7.52 12.97
CA GLU A 8 -1.27 -8.40 11.83
C GLU A 8 -2.33 -8.08 10.78
N LYS A 9 -1.91 -7.40 9.71
CA LYS A 9 -2.83 -7.03 8.64
C LYS A 9 -2.27 -7.44 7.27
N PRO A 10 -3.15 -7.53 6.27
CA PRO A 10 -2.77 -7.91 4.91
C PRO A 10 -1.94 -6.83 4.22
N TYR A 11 -1.79 -6.96 2.91
CA TYR A 11 -1.02 -6.00 2.13
C TYR A 11 -1.46 -4.57 2.43
N VAL A 12 -0.65 -3.86 3.21
CA VAL A 12 -0.96 -2.48 3.57
C VAL A 12 -0.12 -1.50 2.76
N CYS A 13 -0.80 -0.69 1.95
CA CYS A 13 -0.12 0.30 1.12
C CYS A 13 0.82 1.16 1.94
N THR A 14 2.06 1.30 1.47
CA THR A 14 3.06 2.10 2.18
C THR A 14 3.11 3.52 1.63
N GLU A 15 1.99 3.97 1.04
CA GLU A 15 1.92 5.31 0.47
C GLU A 15 0.77 6.10 1.09
N CYS A 16 -0.33 5.40 1.38
CA CYS A 16 -1.49 6.04 1.98
C CYS A 16 -1.81 5.42 3.34
N GLY A 17 -1.68 4.10 3.44
CA GLY A 17 -1.95 3.42 4.68
C GLY A 17 -3.26 2.65 4.64
N LYS A 18 -3.51 1.96 3.53
CA LYS A 18 -4.73 1.18 3.37
C LYS A 18 -4.41 -0.31 3.27
N ALA A 19 -5.19 -1.13 3.97
CA ALA A 19 -4.99 -2.57 3.95
C ALA A 19 -5.87 -3.24 2.89
N PHE A 20 -5.35 -4.31 2.29
CA PHE A 20 -6.09 -5.03 1.27
C PHE A 20 -5.99 -6.54 1.49
N ILE A 21 -7.06 -7.12 2.03
CA ILE A 21 -7.11 -8.54 2.29
C ILE A 21 -6.90 -9.35 1.02
N ARG A 22 -7.44 -8.84 -0.09
CA ARG A 22 -7.32 -9.50 -1.38
C ARG A 22 -5.96 -9.21 -2.02
N LYS A 23 -5.49 -10.13 -2.84
CA LYS A 23 -4.21 -9.97 -3.52
C LYS A 23 -4.40 -9.43 -4.94
N SER A 24 -5.50 -8.71 -5.14
CA SER A 24 -5.80 -8.14 -6.45
C SER A 24 -6.02 -6.63 -6.35
N HIS A 25 -6.80 -6.21 -5.36
CA HIS A 25 -7.08 -4.79 -5.15
C HIS A 25 -5.81 -4.03 -4.85
N PHE A 26 -4.89 -4.67 -4.12
CA PHE A 26 -3.63 -4.04 -3.76
C PHE A 26 -2.82 -3.69 -5.00
N ILE A 27 -2.57 -4.69 -5.84
CA ILE A 27 -1.80 -4.50 -7.06
C ILE A 27 -2.39 -3.36 -7.89
N THR A 28 -3.69 -3.41 -8.14
CA THR A 28 -4.36 -2.39 -8.92
C THR A 28 -4.37 -1.05 -8.19
N HIS A 29 -4.27 -1.10 -6.86
CA HIS A 29 -4.27 0.10 -6.04
C HIS A 29 -2.90 0.78 -6.09
N GLU A 30 -1.90 0.04 -6.52
CA GLU A 30 -0.54 0.57 -6.62
C GLU A 30 -0.36 1.41 -7.87
N ARG A 31 -1.20 1.14 -8.87
CA ARG A 31 -1.14 1.88 -10.12
C ARG A 31 -1.40 3.37 -9.91
N ILE A 32 -2.43 3.66 -9.11
CA ILE A 32 -2.79 5.05 -8.83
C ILE A 32 -1.63 5.80 -8.20
N HIS A 33 -0.71 5.06 -7.59
CA HIS A 33 0.46 5.66 -6.96
C HIS A 33 1.64 5.72 -7.93
N THR A 34 1.70 4.75 -8.83
CA THR A 34 2.78 4.70 -9.82
C THR A 34 2.31 5.22 -11.17
N GLY A 35 1.30 6.08 -11.15
CA GLY A 35 0.78 6.65 -12.39
C GLY A 35 1.17 8.10 -12.57
N GLU A 36 2.35 8.46 -12.07
CA GLU A 36 2.83 9.83 -12.19
C GLU A 36 4.12 9.89 -13.00
N SER A 37 4.54 11.10 -13.37
CA SER A 37 5.75 11.28 -14.15
C SER A 37 6.09 12.77 -14.27
N GLY A 38 7.32 13.11 -13.93
CA GLY A 38 7.76 14.51 -14.01
C GLY A 38 9.21 14.68 -13.62
N PRO A 39 9.50 14.53 -12.32
CA PRO A 39 10.85 14.68 -11.78
C PRO A 39 11.77 13.53 -12.21
N SER A 40 11.20 12.35 -12.38
CA SER A 40 11.96 11.18 -12.78
C SER A 40 12.30 11.24 -14.26
N SER A 41 13.55 11.61 -14.56
CA SER A 41 14.01 11.72 -15.94
C SER A 41 15.18 10.77 -16.19
N GLY A 42 15.18 10.14 -17.37
CA GLY A 42 16.25 9.23 -17.72
C GLY A 42 15.94 7.79 -17.31
ZN ZN B . -2.34 3.53 -1.51
N GLY A 1 15.05 2.24 22.59
CA GLY A 1 15.02 2.77 21.24
C GLY A 1 14.47 1.78 20.24
N SER A 2 13.63 0.86 20.72
CA SER A 2 13.03 -0.15 19.86
C SER A 2 11.59 0.20 19.52
N SER A 3 11.17 -0.12 18.31
CA SER A 3 9.81 0.18 17.86
C SER A 3 8.78 -0.47 18.78
N GLY A 4 8.92 -1.78 18.98
CA GLY A 4 8.00 -2.49 19.85
C GLY A 4 6.55 -2.26 19.46
N SER A 5 6.09 -2.97 18.43
CA SER A 5 4.72 -2.84 17.96
C SER A 5 4.09 -4.20 17.72
N SER A 6 2.79 -4.30 17.95
CA SER A 6 2.06 -5.55 17.75
C SER A 6 0.86 -5.35 16.82
N GLY A 7 0.61 -6.35 15.98
CA GLY A 7 -0.50 -6.26 15.04
C GLY A 7 -0.17 -6.85 13.69
N GLU A 8 -1.10 -7.64 13.15
CA GLU A 8 -0.90 -8.26 11.84
C GLU A 8 -2.01 -7.89 10.88
N LYS A 9 -1.63 -7.47 9.68
CA LYS A 9 -2.61 -7.08 8.66
C LYS A 9 -2.12 -7.48 7.27
N PRO A 10 -3.06 -7.55 6.31
CA PRO A 10 -2.75 -7.91 4.92
C PRO A 10 -1.96 -6.83 4.21
N TYR A 11 -1.88 -6.94 2.88
CA TYR A 11 -1.16 -5.96 2.08
C TYR A 11 -1.59 -4.54 2.42
N VAL A 12 -0.73 -3.83 3.15
CA VAL A 12 -1.01 -2.45 3.55
C VAL A 12 -0.16 -1.46 2.77
N CYS A 13 -0.81 -0.65 1.93
CA CYS A 13 -0.12 0.34 1.13
C CYS A 13 0.80 1.20 1.99
N THR A 14 2.05 1.34 1.56
CA THR A 14 3.02 2.14 2.28
C THR A 14 3.09 3.57 1.74
N GLU A 15 2.00 4.01 1.12
CA GLU A 15 1.94 5.35 0.56
C GLU A 15 0.77 6.14 1.16
N CYS A 16 -0.32 5.44 1.43
CA CYS A 16 -1.51 6.09 2.00
C CYS A 16 -1.86 5.47 3.35
N GLY A 17 -1.73 4.14 3.44
CA GLY A 17 -2.03 3.45 4.68
C GLY A 17 -3.34 2.68 4.61
N LYS A 18 -3.55 1.98 3.50
CA LYS A 18 -4.76 1.20 3.31
C LYS A 18 -4.44 -0.30 3.21
N ALA A 19 -5.20 -1.12 3.92
CA ALA A 19 -5.00 -2.55 3.92
C ALA A 19 -5.91 -3.24 2.89
N PHE A 20 -5.43 -4.33 2.31
CA PHE A 20 -6.20 -5.06 1.32
C PHE A 20 -6.11 -6.57 1.57
N ILE A 21 -7.15 -7.12 2.20
CA ILE A 21 -7.20 -8.54 2.50
C ILE A 21 -7.02 -9.38 1.24
N ARG A 22 -7.49 -8.83 0.12
CA ARG A 22 -7.39 -9.53 -1.16
C ARG A 22 -5.99 -9.36 -1.77
N LYS A 23 -5.75 -10.04 -2.87
CA LYS A 23 -4.46 -9.97 -3.55
C LYS A 23 -4.62 -9.47 -4.98
N SER A 24 -5.69 -8.71 -5.22
CA SER A 24 -5.96 -8.18 -6.55
C SER A 24 -6.14 -6.66 -6.50
N HIS A 25 -6.91 -6.19 -5.51
CA HIS A 25 -7.15 -4.76 -5.36
C HIS A 25 -5.85 -4.02 -5.03
N PHE A 26 -4.92 -4.72 -4.41
CA PHE A 26 -3.63 -4.13 -4.03
C PHE A 26 -2.78 -3.87 -5.28
N ILE A 27 -2.53 -4.93 -6.05
CA ILE A 27 -1.74 -4.81 -7.26
C ILE A 27 -2.25 -3.68 -8.15
N THR A 28 -3.56 -3.46 -8.12
CA THR A 28 -4.18 -2.42 -8.94
C THR A 28 -4.19 -1.09 -8.19
N HIS A 29 -4.15 -1.15 -6.86
CA HIS A 29 -4.16 0.05 -6.04
C HIS A 29 -2.82 0.77 -6.12
N GLU A 30 -1.80 0.05 -6.59
CA GLU A 30 -0.47 0.63 -6.72
C GLU A 30 -0.36 1.49 -7.98
N ARG A 31 -1.21 1.21 -8.95
CA ARG A 31 -1.22 1.95 -10.21
C ARG A 31 -1.52 3.42 -9.96
N ILE A 32 -2.53 3.69 -9.14
CA ILE A 32 -2.93 5.06 -8.83
C ILE A 32 -1.76 5.84 -8.23
N HIS A 33 -0.80 5.12 -7.66
CA HIS A 33 0.36 5.74 -7.04
C HIS A 33 1.52 5.83 -8.04
N THR A 34 2.03 4.68 -8.45
CA THR A 34 3.13 4.62 -9.40
C THR A 34 2.83 5.46 -10.64
N GLY A 35 1.66 5.26 -11.22
CA GLY A 35 1.27 6.00 -12.41
C GLY A 35 0.33 7.15 -12.09
N GLU A 36 0.78 8.04 -11.20
CA GLU A 36 -0.03 9.19 -10.81
C GLU A 36 0.48 10.46 -11.49
N SER A 37 -0.45 11.32 -11.91
CA SER A 37 -0.09 12.56 -12.57
C SER A 37 0.22 13.66 -11.55
N GLY A 38 1.41 13.57 -10.95
CA GLY A 38 1.81 14.55 -9.96
C GLY A 38 3.30 14.82 -9.98
N PRO A 39 3.78 15.44 -11.06
CA PRO A 39 5.21 15.76 -11.23
C PRO A 39 5.66 16.85 -10.26
N SER A 40 6.22 16.45 -9.13
CA SER A 40 6.69 17.40 -8.13
C SER A 40 7.70 18.36 -8.74
N SER A 41 7.92 19.48 -8.05
CA SER A 41 8.86 20.49 -8.53
C SER A 41 10.22 19.88 -8.80
N GLY A 42 10.56 18.84 -8.06
CA GLY A 42 11.84 18.17 -8.24
C GLY A 42 12.85 18.56 -7.18
ZN ZN B . -2.26 3.60 -1.53
N GLY A 1 12.25 -0.23 22.32
CA GLY A 1 11.33 0.47 23.19
C GLY A 1 9.89 0.39 22.72
N SER A 2 9.21 -0.68 23.12
CA SER A 2 7.82 -0.89 22.72
C SER A 2 7.23 -2.10 23.43
N SER A 3 5.93 -2.04 23.71
CA SER A 3 5.23 -3.12 24.39
C SER A 3 3.81 -3.26 23.88
N GLY A 4 3.33 -4.51 23.82
CA GLY A 4 1.99 -4.76 23.34
C GLY A 4 1.89 -4.75 21.83
N SER A 5 1.66 -5.93 21.25
CA SER A 5 1.56 -6.05 19.79
C SER A 5 0.10 -5.96 19.35
N SER A 6 -0.10 -5.51 18.11
CA SER A 6 -1.45 -5.37 17.57
C SER A 6 -1.85 -6.62 16.79
N GLY A 7 -1.18 -6.85 15.66
CA GLY A 7 -1.48 -8.01 14.84
C GLY A 7 -0.76 -7.98 13.51
N GLU A 8 -1.19 -8.83 12.58
CA GLU A 8 -0.58 -8.90 11.26
C GLU A 8 -1.61 -8.66 10.17
N LYS A 9 -1.78 -7.39 9.79
CA LYS A 9 -2.74 -7.02 8.75
C LYS A 9 -2.22 -7.42 7.38
N PRO A 10 -3.15 -7.51 6.40
CA PRO A 10 -2.80 -7.87 5.02
C PRO A 10 -2.01 -6.78 4.31
N TYR A 11 -1.91 -6.89 3.00
CA TYR A 11 -1.18 -5.91 2.20
C TYR A 11 -1.63 -4.49 2.53
N VAL A 12 -0.77 -3.75 3.22
CA VAL A 12 -1.08 -2.38 3.61
C VAL A 12 -0.25 -1.38 2.79
N CYS A 13 -0.92 -0.57 2.00
CA CYS A 13 -0.25 0.42 1.17
C CYS A 13 0.68 1.29 2.01
N THR A 14 1.94 1.37 1.59
CA THR A 14 2.94 2.16 2.29
C THR A 14 3.06 3.56 1.70
N GLU A 15 1.99 4.02 1.08
CA GLU A 15 1.98 5.35 0.46
C GLU A 15 0.87 6.21 1.06
N CYS A 16 -0.34 5.66 1.12
CA CYS A 16 -1.49 6.37 1.67
C CYS A 16 -1.98 5.72 2.95
N GLY A 17 -1.72 4.42 3.08
CA GLY A 17 -2.14 3.70 4.27
C GLY A 17 -3.50 3.03 4.10
N LYS A 18 -3.51 1.86 3.47
CA LYS A 18 -4.75 1.14 3.24
C LYS A 18 -4.49 -0.37 3.18
N ALA A 19 -5.19 -1.12 4.02
CA ALA A 19 -5.05 -2.57 4.07
C ALA A 19 -5.97 -3.25 3.06
N PHE A 20 -5.48 -4.30 2.43
CA PHE A 20 -6.26 -5.04 1.44
C PHE A 20 -6.14 -6.54 1.67
N ILE A 21 -7.18 -7.14 2.26
CA ILE A 21 -7.19 -8.57 2.53
C ILE A 21 -6.97 -9.37 1.25
N ARG A 22 -7.53 -8.88 0.15
CA ARG A 22 -7.39 -9.56 -1.14
C ARG A 22 -6.02 -9.28 -1.76
N LYS A 23 -5.64 -10.08 -2.74
CA LYS A 23 -4.35 -9.92 -3.41
C LYS A 23 -4.56 -9.44 -4.85
N SER A 24 -5.60 -8.66 -5.06
CA SER A 24 -5.91 -8.14 -6.39
C SER A 24 -6.08 -6.62 -6.36
N HIS A 25 -6.89 -6.15 -5.42
CA HIS A 25 -7.13 -4.71 -5.28
C HIS A 25 -5.84 -3.98 -4.94
N PHE A 26 -4.92 -4.67 -4.28
CA PHE A 26 -3.65 -4.09 -3.90
C PHE A 26 -2.77 -3.84 -5.12
N ILE A 27 -2.54 -4.89 -5.90
CA ILE A 27 -1.72 -4.79 -7.10
C ILE A 27 -2.21 -3.67 -8.01
N THR A 28 -3.53 -3.47 -8.02
CA THR A 28 -4.14 -2.43 -8.85
C THR A 28 -4.14 -1.09 -8.13
N HIS A 29 -4.13 -1.13 -6.80
CA HIS A 29 -4.13 0.08 -6.00
C HIS A 29 -2.79 0.80 -6.08
N GLU A 30 -1.76 0.08 -6.53
CA GLU A 30 -0.43 0.65 -6.66
C GLU A 30 -0.31 1.47 -7.94
N ARG A 31 -1.18 1.19 -8.90
CA ARG A 31 -1.17 1.91 -10.17
C ARG A 31 -1.48 3.38 -9.96
N ILE A 32 -2.49 3.67 -9.14
CA ILE A 32 -2.89 5.04 -8.86
C ILE A 32 -1.73 5.84 -8.27
N HIS A 33 -0.76 5.12 -7.70
CA HIS A 33 0.40 5.76 -7.09
C HIS A 33 1.57 5.81 -8.07
N THR A 34 2.03 4.63 -8.47
CA THR A 34 3.15 4.52 -9.41
C THR A 34 2.89 5.36 -10.66
N GLY A 35 1.67 5.25 -11.19
CA GLY A 35 1.32 6.00 -12.38
C GLY A 35 1.37 7.50 -12.17
N GLU A 36 0.29 8.06 -11.65
CA GLU A 36 0.21 9.48 -11.39
C GLU A 36 1.00 9.86 -10.14
N SER A 37 1.83 10.90 -10.24
CA SER A 37 2.64 11.35 -9.12
C SER A 37 3.47 10.21 -8.56
N GLY A 38 4.14 9.47 -9.45
CA GLY A 38 4.95 8.35 -9.02
C GLY A 38 6.04 8.02 -10.02
N PRO A 39 6.99 7.17 -9.61
CA PRO A 39 8.10 6.75 -10.46
C PRO A 39 7.66 5.86 -11.61
N SER A 40 7.85 6.34 -12.84
CA SER A 40 7.46 5.59 -14.02
C SER A 40 8.40 4.41 -14.26
N SER A 41 7.83 3.21 -14.33
CA SER A 41 8.62 2.00 -14.54
C SER A 41 8.30 1.37 -15.88
N GLY A 42 8.43 2.16 -16.95
CA GLY A 42 8.15 1.66 -18.28
C GLY A 42 9.19 0.65 -18.76
ZN ZN B . -2.42 3.77 -1.47
N GLY A 1 11.62 7.66 15.22
CA GLY A 1 11.22 6.29 14.93
C GLY A 1 9.75 6.20 14.58
N SER A 2 9.24 4.97 14.51
CA SER A 2 7.84 4.73 14.17
C SER A 2 7.32 3.47 14.86
N SER A 3 6.35 3.66 15.76
CA SER A 3 5.77 2.54 16.48
C SER A 3 4.50 2.06 15.81
N GLY A 4 4.08 0.83 16.14
CA GLY A 4 2.88 0.27 15.56
C GLY A 4 1.93 -0.29 16.60
N SER A 5 1.14 -1.28 16.20
CA SER A 5 0.19 -1.91 17.11
C SER A 5 0.17 -3.42 16.91
N SER A 6 -0.49 -4.12 17.84
CA SER A 6 -0.57 -5.58 17.77
C SER A 6 -1.80 -6.00 16.97
N GLY A 7 -1.59 -6.30 15.69
CA GLY A 7 -2.69 -6.72 14.84
C GLY A 7 -2.25 -7.01 13.42
N GLU A 8 -1.87 -8.26 13.18
CA GLU A 8 -1.41 -8.68 11.85
C GLU A 8 -2.44 -8.31 10.79
N LYS A 9 -2.05 -7.40 9.90
CA LYS A 9 -2.94 -6.96 8.82
C LYS A 9 -2.41 -7.41 7.46
N PRO A 10 -3.31 -7.46 6.46
CA PRO A 10 -2.95 -7.86 5.10
C PRO A 10 -2.08 -6.83 4.40
N TYR A 11 -1.95 -6.98 3.08
CA TYR A 11 -1.14 -6.05 2.29
C TYR A 11 -1.51 -4.61 2.59
N VAL A 12 -0.62 -3.89 3.26
CA VAL A 12 -0.85 -2.50 3.61
C VAL A 12 -0.02 -1.57 2.74
N CYS A 13 -0.70 -0.73 1.96
CA CYS A 13 -0.02 0.21 1.08
C CYS A 13 0.99 1.06 1.86
N THR A 14 2.17 1.26 1.28
CA THR A 14 3.22 2.05 1.92
C THR A 14 3.18 3.49 1.43
N GLU A 15 2.01 3.95 1.00
CA GLU A 15 1.86 5.31 0.51
C GLU A 15 0.73 6.03 1.24
N CYS A 16 -0.36 5.31 1.49
CA CYS A 16 -1.51 5.87 2.19
C CYS A 16 -1.76 5.15 3.50
N GLY A 17 -1.39 3.88 3.56
CA GLY A 17 -1.58 3.10 4.76
C GLY A 17 -2.89 2.33 4.75
N LYS A 18 -3.35 1.96 3.57
CA LYS A 18 -4.60 1.22 3.44
C LYS A 18 -4.34 -0.28 3.36
N ALA A 19 -5.18 -1.05 4.03
CA ALA A 19 -5.04 -2.51 4.03
C ALA A 19 -5.88 -3.14 2.93
N PHE A 20 -5.34 -4.19 2.30
CA PHE A 20 -6.04 -4.88 1.23
C PHE A 20 -6.09 -6.37 1.50
N ILE A 21 -7.15 -6.82 2.17
CA ILE A 21 -7.32 -8.23 2.49
C ILE A 21 -7.17 -9.09 1.24
N ARG A 22 -7.53 -8.53 0.08
CA ARG A 22 -7.44 -9.25 -1.18
C ARG A 22 -6.05 -9.11 -1.77
N LYS A 23 -5.74 -9.97 -2.75
CA LYS A 23 -4.45 -9.95 -3.41
C LYS A 23 -4.58 -9.49 -4.86
N SER A 24 -5.59 -8.67 -5.12
CA SER A 24 -5.82 -8.16 -6.47
C SER A 24 -5.98 -6.65 -6.46
N HIS A 25 -6.65 -6.13 -5.43
CA HIS A 25 -6.87 -4.69 -5.30
C HIS A 25 -5.57 -3.98 -4.93
N PHE A 26 -4.69 -4.70 -4.24
CA PHE A 26 -3.41 -4.13 -3.82
C PHE A 26 -2.47 -3.96 -5.02
N ILE A 27 -2.42 -4.98 -5.88
CA ILE A 27 -1.56 -4.93 -7.05
C ILE A 27 -2.03 -3.86 -8.03
N THR A 28 -3.32 -3.56 -8.00
CA THR A 28 -3.89 -2.56 -8.88
C THR A 28 -3.87 -1.17 -8.23
N HIS A 29 -3.85 -1.16 -6.90
CA HIS A 29 -3.82 0.10 -6.16
C HIS A 29 -2.50 0.82 -6.37
N GLU A 30 -1.46 0.07 -6.71
CA GLU A 30 -0.14 0.65 -6.95
C GLU A 30 -0.13 1.48 -8.23
N ARG A 31 -1.03 1.16 -9.14
CA ARG A 31 -1.11 1.88 -10.40
C ARG A 31 -1.51 3.33 -10.18
N ILE A 32 -2.68 3.54 -9.57
CA ILE A 32 -3.17 4.87 -9.30
C ILE A 32 -2.14 5.70 -8.54
N HIS A 33 -1.29 5.03 -7.77
CA HIS A 33 -0.25 5.70 -7.00
C HIS A 33 0.91 6.10 -7.91
N THR A 34 1.26 5.22 -8.84
CA THR A 34 2.36 5.48 -9.77
C THR A 34 1.93 6.41 -10.88
N GLY A 35 2.10 7.71 -10.67
CA GLY A 35 1.72 8.68 -11.68
C GLY A 35 2.87 9.06 -12.60
N GLU A 36 2.61 9.95 -13.54
CA GLU A 36 3.63 10.40 -14.49
C GLU A 36 3.78 11.91 -14.47
N SER A 37 4.76 12.39 -13.72
CA SER A 37 5.00 13.84 -13.61
C SER A 37 6.46 14.17 -13.92
N GLY A 38 6.94 13.66 -15.05
CA GLY A 38 8.32 13.91 -15.44
C GLY A 38 8.52 13.84 -16.93
N PRO A 39 7.94 14.81 -17.66
CA PRO A 39 8.04 14.88 -19.12
C PRO A 39 9.45 15.23 -19.59
N SER A 40 9.93 14.51 -20.60
CA SER A 40 11.26 14.75 -21.14
C SER A 40 11.24 15.88 -22.16
N SER A 41 10.88 17.08 -21.71
CA SER A 41 10.81 18.23 -22.60
C SER A 41 12.06 19.10 -22.45
N GLY A 42 12.34 19.51 -21.22
CA GLY A 42 13.51 20.34 -20.97
C GLY A 42 13.72 20.60 -19.49
ZN ZN B . -2.17 3.64 -1.33
N GLY A 1 10.22 -3.15 27.62
CA GLY A 1 10.68 -4.52 27.77
C GLY A 1 10.44 -5.35 26.53
N SER A 2 10.33 -6.66 26.72
CA SER A 2 10.11 -7.58 25.61
C SER A 2 8.61 -7.70 25.30
N SER A 3 8.16 -6.92 24.31
CA SER A 3 6.76 -6.94 23.91
C SER A 3 6.52 -7.90 22.76
N GLY A 4 7.54 -8.07 21.92
CA GLY A 4 7.43 -8.98 20.79
C GLY A 4 7.24 -8.24 19.48
N SER A 5 6.30 -8.73 18.66
CA SER A 5 6.03 -8.12 17.37
C SER A 5 4.55 -7.77 17.23
N SER A 6 4.24 -6.85 16.31
CA SER A 6 2.87 -6.42 16.09
C SER A 6 2.61 -6.21 14.60
N GLY A 7 1.39 -5.77 14.28
CA GLY A 7 1.04 -5.53 12.89
C GLY A 7 0.63 -6.79 12.17
N GLU A 8 -0.58 -7.26 12.42
CA GLU A 8 -1.09 -8.47 11.79
C GLU A 8 -2.18 -8.14 10.77
N LYS A 9 -1.78 -7.53 9.66
CA LYS A 9 -2.71 -7.16 8.62
C LYS A 9 -2.18 -7.56 7.24
N PRO A 10 -3.08 -7.64 6.25
CA PRO A 10 -2.72 -8.01 4.88
C PRO A 10 -1.92 -6.92 4.18
N TYR A 11 -1.80 -7.04 2.87
CA TYR A 11 -1.05 -6.07 2.07
C TYR A 11 -1.50 -4.65 2.40
N VAL A 12 -0.67 -3.93 3.15
CA VAL A 12 -0.98 -2.55 3.54
C VAL A 12 -0.19 -1.56 2.68
N CYS A 13 -0.91 -0.65 2.03
CA CYS A 13 -0.28 0.36 1.20
C CYS A 13 0.66 1.24 2.01
N THR A 14 1.91 1.36 1.54
CA THR A 14 2.91 2.16 2.23
C THR A 14 2.99 3.56 1.63
N GLU A 15 1.87 4.04 1.08
CA GLU A 15 1.83 5.36 0.47
C GLU A 15 0.71 6.20 1.08
N CYS A 16 -0.47 5.61 1.19
CA CYS A 16 -1.62 6.30 1.77
C CYS A 16 -2.06 5.65 3.07
N GLY A 17 -1.78 4.36 3.20
CA GLY A 17 -2.15 3.64 4.41
C GLY A 17 -3.50 2.96 4.30
N LYS A 18 -3.52 1.77 3.69
CA LYS A 18 -4.75 1.02 3.51
C LYS A 18 -4.46 -0.46 3.35
N ALA A 19 -5.13 -1.29 4.16
CA ALA A 19 -4.96 -2.73 4.11
C ALA A 19 -5.86 -3.36 3.05
N PHE A 20 -5.37 -4.42 2.42
CA PHE A 20 -6.13 -5.12 1.38
C PHE A 20 -6.03 -6.63 1.56
N ILE A 21 -7.07 -7.22 2.14
CA ILE A 21 -7.10 -8.66 2.36
C ILE A 21 -6.92 -9.43 1.05
N ARG A 22 -7.43 -8.85 -0.04
CA ARG A 22 -7.32 -9.48 -1.36
C ARG A 22 -5.97 -9.18 -1.99
N LYS A 23 -5.52 -10.08 -2.86
CA LYS A 23 -4.24 -9.90 -3.54
C LYS A 23 -4.45 -9.36 -4.96
N SER A 24 -5.55 -8.63 -5.14
CA SER A 24 -5.86 -8.05 -6.45
C SER A 24 -6.06 -6.55 -6.34
N HIS A 25 -6.88 -6.13 -5.38
CA HIS A 25 -7.16 -4.71 -5.18
C HIS A 25 -5.88 -3.95 -4.87
N PHE A 26 -5.01 -4.55 -4.07
CA PHE A 26 -3.74 -3.93 -3.70
C PHE A 26 -2.93 -3.58 -4.94
N ILE A 27 -2.69 -4.58 -5.78
CA ILE A 27 -1.92 -4.37 -7.01
C ILE A 27 -2.50 -3.23 -7.83
N THR A 28 -3.79 -3.34 -8.16
CA THR A 28 -4.46 -2.31 -8.95
C THR A 28 -4.44 -0.97 -8.24
N HIS A 29 -4.34 -1.00 -6.92
CA HIS A 29 -4.32 0.21 -6.12
C HIS A 29 -2.92 0.84 -6.12
N GLU A 30 -1.92 0.04 -6.49
CA GLU A 30 -0.54 0.51 -6.54
C GLU A 30 -0.29 1.32 -7.81
N ARG A 31 -1.12 1.09 -8.83
CA ARG A 31 -0.98 1.80 -10.09
C ARG A 31 -1.20 3.30 -9.91
N ILE A 32 -2.24 3.65 -9.16
CA ILE A 32 -2.57 5.05 -8.91
C ILE A 32 -1.41 5.76 -8.22
N HIS A 33 -0.53 5.00 -7.59
CA HIS A 33 0.62 5.56 -6.91
C HIS A 33 1.87 5.52 -7.80
N THR A 34 1.89 4.57 -8.73
CA THR A 34 3.01 4.43 -9.65
C THR A 34 2.67 4.97 -11.03
N GLY A 35 2.54 6.30 -11.12
CA GLY A 35 2.20 6.92 -12.39
C GLY A 35 1.88 8.39 -12.24
N GLU A 36 0.59 8.71 -12.25
CA GLU A 36 0.14 10.09 -12.12
C GLU A 36 -0.32 10.39 -10.69
N SER A 37 -0.27 11.66 -10.31
CA SER A 37 -0.67 12.06 -8.97
C SER A 37 0.15 11.35 -7.91
N GLY A 38 1.41 11.07 -8.23
CA GLY A 38 2.29 10.38 -7.30
C GLY A 38 3.75 10.69 -7.55
N PRO A 39 4.61 10.32 -6.59
CA PRO A 39 6.05 10.56 -6.68
C PRO A 39 6.72 9.67 -7.73
N SER A 40 7.33 10.30 -8.73
CA SER A 40 7.99 9.57 -9.80
C SER A 40 9.18 10.36 -10.35
N SER A 41 9.95 9.72 -11.22
CA SER A 41 11.12 10.36 -11.82
C SER A 41 12.02 10.94 -10.74
N GLY A 42 12.36 10.13 -9.74
CA GLY A 42 13.22 10.58 -8.67
C GLY A 42 13.14 9.68 -7.45
ZN ZN B . -2.39 3.63 -1.48
N GLY A 1 8.23 3.68 27.75
CA GLY A 1 8.11 2.38 27.10
C GLY A 1 6.71 2.11 26.60
N SER A 2 6.62 1.42 25.46
CA SER A 2 5.32 1.11 24.87
C SER A 2 5.24 -0.37 24.53
N SER A 3 4.09 -0.78 23.99
CA SER A 3 3.89 -2.18 23.62
C SER A 3 4.56 -2.49 22.29
N GLY A 4 4.70 -1.48 21.44
CA GLY A 4 5.32 -1.67 20.14
C GLY A 4 4.32 -1.72 19.01
N SER A 5 4.72 -1.21 17.84
CA SER A 5 3.83 -1.19 16.69
C SER A 5 3.95 -2.49 15.90
N SER A 6 3.19 -3.50 16.31
CA SER A 6 3.22 -4.79 15.65
C SER A 6 1.79 -5.31 15.42
N GLY A 7 1.39 -5.39 14.15
CA GLY A 7 0.07 -5.87 13.82
C GLY A 7 0.07 -6.87 12.69
N GLU A 8 -0.89 -7.80 12.70
CA GLU A 8 -0.98 -8.80 11.65
C GLU A 8 -2.08 -8.45 10.66
N LYS A 9 -1.73 -7.67 9.65
CA LYS A 9 -2.68 -7.26 8.62
C LYS A 9 -2.19 -7.64 7.23
N PRO A 10 -3.11 -7.68 6.26
CA PRO A 10 -2.79 -8.03 4.87
C PRO A 10 -1.98 -6.93 4.18
N TYR A 11 -1.89 -7.02 2.86
CA TYR A 11 -1.15 -6.03 2.08
C TYR A 11 -1.57 -4.62 2.45
N VAL A 12 -0.67 -3.90 3.11
CA VAL A 12 -0.95 -2.51 3.52
C VAL A 12 -0.19 -1.52 2.65
N CYS A 13 -0.93 -0.60 2.04
CA CYS A 13 -0.34 0.41 1.18
C CYS A 13 0.67 1.26 1.95
N THR A 14 1.88 1.37 1.42
CA THR A 14 2.93 2.15 2.06
C THR A 14 2.99 3.57 1.48
N GLU A 15 1.87 4.03 0.94
CA GLU A 15 1.79 5.36 0.36
C GLU A 15 0.68 6.18 1.01
N CYS A 16 -0.49 5.57 1.15
CA CYS A 16 -1.63 6.24 1.76
C CYS A 16 -2.00 5.60 3.09
N GLY A 17 -1.68 4.31 3.23
CA GLY A 17 -1.99 3.60 4.46
C GLY A 17 -3.35 2.94 4.43
N LYS A 18 -3.44 1.80 3.76
CA LYS A 18 -4.69 1.07 3.65
C LYS A 18 -4.44 -0.43 3.49
N ALA A 19 -5.16 -1.23 4.26
CA ALA A 19 -5.02 -2.68 4.21
C ALA A 19 -5.87 -3.27 3.09
N PHE A 20 -5.40 -4.37 2.51
CA PHE A 20 -6.13 -5.03 1.43
C PHE A 20 -6.09 -6.54 1.60
N ILE A 21 -7.14 -7.09 2.20
CA ILE A 21 -7.22 -8.53 2.42
C ILE A 21 -7.10 -9.30 1.11
N ARG A 22 -7.50 -8.65 0.01
CA ARG A 22 -7.44 -9.28 -1.30
C ARG A 22 -6.04 -9.13 -1.90
N LYS A 23 -5.69 -10.04 -2.82
CA LYS A 23 -4.39 -10.00 -3.47
C LYS A 23 -4.52 -9.48 -4.89
N SER A 24 -5.45 -8.55 -5.11
CA SER A 24 -5.66 -7.97 -6.42
C SER A 24 -5.95 -6.48 -6.31
N HIS A 25 -6.81 -6.11 -5.37
CA HIS A 25 -7.16 -4.71 -5.16
C HIS A 25 -5.93 -3.89 -4.78
N PHE A 26 -4.96 -4.54 -4.16
CA PHE A 26 -3.74 -3.87 -3.74
C PHE A 26 -2.81 -3.64 -4.92
N ILE A 27 -2.49 -4.72 -5.62
CA ILE A 27 -1.61 -4.65 -6.78
C ILE A 27 -2.13 -3.64 -7.81
N THR A 28 -3.46 -3.52 -7.88
CA THR A 28 -4.09 -2.59 -8.82
C THR A 28 -4.17 -1.19 -8.23
N HIS A 29 -4.21 -1.11 -6.90
CA HIS A 29 -4.29 0.17 -6.22
C HIS A 29 -2.95 0.89 -6.26
N GLU A 30 -1.89 0.14 -6.56
CA GLU A 30 -0.55 0.73 -6.63
C GLU A 30 -0.37 1.50 -7.94
N ARG A 31 -1.16 1.14 -8.95
CA ARG A 31 -1.09 1.80 -10.24
C ARG A 31 -1.38 3.29 -10.12
N ILE A 32 -2.44 3.63 -9.39
CA ILE A 32 -2.82 5.02 -9.20
C ILE A 32 -1.71 5.81 -8.50
N HIS A 33 -0.80 5.08 -7.85
CA HIS A 33 0.31 5.71 -7.15
C HIS A 33 1.54 5.78 -8.04
N THR A 34 2.03 4.63 -8.46
CA THR A 34 3.22 4.57 -9.31
C THR A 34 2.98 5.31 -10.63
N GLY A 35 3.44 6.56 -10.69
CA GLY A 35 3.27 7.36 -11.88
C GLY A 35 4.44 8.28 -12.14
N GLU A 36 4.50 8.86 -13.34
CA GLU A 36 5.58 9.76 -13.70
C GLU A 36 5.03 11.11 -14.16
N SER A 37 4.70 11.97 -13.21
CA SER A 37 4.16 13.29 -13.51
C SER A 37 5.02 14.39 -12.90
N GLY A 38 5.82 15.04 -13.74
CA GLY A 38 6.68 16.11 -13.25
C GLY A 38 8.15 15.73 -13.30
N PRO A 39 9.01 16.67 -12.90
CA PRO A 39 10.47 16.46 -12.89
C PRO A 39 10.90 15.45 -11.83
N SER A 40 12.15 14.98 -11.94
CA SER A 40 12.68 14.01 -10.99
C SER A 40 12.77 14.61 -9.59
N SER A 41 12.28 13.86 -8.60
CA SER A 41 12.29 14.32 -7.22
C SER A 41 13.10 13.35 -6.34
N GLY A 42 13.53 13.85 -5.19
CA GLY A 42 14.30 13.02 -4.27
C GLY A 42 14.09 13.40 -2.82
ZN ZN B . -2.54 3.72 -1.65
N GLY A 1 1.37 2.22 31.34
CA GLY A 1 2.65 2.10 30.65
C GLY A 1 3.06 0.67 30.40
N SER A 2 2.55 0.10 29.31
CA SER A 2 2.86 -1.28 28.96
C SER A 2 3.16 -1.41 27.47
N SER A 3 3.38 -2.64 27.02
CA SER A 3 3.68 -2.90 25.61
C SER A 3 3.16 -4.27 25.19
N GLY A 4 2.78 -4.38 23.92
CA GLY A 4 2.26 -5.65 23.41
C GLY A 4 1.29 -5.44 22.27
N SER A 5 1.79 -4.99 21.13
CA SER A 5 0.94 -4.75 19.96
C SER A 5 1.02 -5.94 18.99
N SER A 6 0.04 -6.82 19.09
CA SER A 6 -0.01 -8.00 18.23
C SER A 6 -1.07 -7.84 17.15
N GLY A 7 -0.86 -8.49 16.01
CA GLY A 7 -1.81 -8.41 14.92
C GLY A 7 -1.15 -8.14 13.59
N GLU A 8 -1.30 -9.07 12.65
CA GLU A 8 -0.71 -8.94 11.32
C GLU A 8 -1.78 -8.65 10.27
N LYS A 9 -1.71 -7.49 9.67
CA LYS A 9 -2.67 -7.10 8.64
C LYS A 9 -2.17 -7.49 7.25
N PRO A 10 -3.10 -7.56 6.29
CA PRO A 10 -2.78 -7.93 4.90
C PRO A 10 -1.99 -6.84 4.19
N TYR A 11 -1.90 -6.96 2.87
CA TYR A 11 -1.16 -5.98 2.06
C TYR A 11 -1.58 -4.56 2.41
N VAL A 12 -0.69 -3.82 3.05
CA VAL A 12 -0.97 -2.44 3.43
C VAL A 12 -0.23 -1.46 2.52
N CYS A 13 -0.96 -0.46 2.04
CA CYS A 13 -0.38 0.55 1.15
C CYS A 13 0.65 1.38 1.89
N THR A 14 1.84 1.50 1.29
CA THR A 14 2.93 2.26 1.89
C THR A 14 2.98 3.68 1.33
N GLU A 15 1.83 4.16 0.84
CA GLU A 15 1.75 5.49 0.26
C GLU A 15 0.62 6.29 0.92
N CYS A 16 -0.54 5.65 1.08
CA CYS A 16 -1.69 6.30 1.69
C CYS A 16 -2.08 5.62 2.99
N GLY A 17 -1.75 4.33 3.10
CA GLY A 17 -2.07 3.58 4.30
C GLY A 17 -3.44 2.95 4.24
N LYS A 18 -3.52 1.77 3.62
CA LYS A 18 -4.80 1.06 3.51
C LYS A 18 -4.55 -0.45 3.36
N ALA A 19 -5.16 -1.22 4.25
CA ALA A 19 -5.03 -2.67 4.22
C ALA A 19 -5.90 -3.28 3.13
N PHE A 20 -5.41 -4.35 2.51
CA PHE A 20 -6.14 -5.03 1.45
C PHE A 20 -6.09 -6.53 1.63
N ILE A 21 -7.14 -7.09 2.25
CA ILE A 21 -7.21 -8.52 2.48
C ILE A 21 -7.07 -9.31 1.18
N ARG A 22 -7.45 -8.67 0.07
CA ARG A 22 -7.37 -9.30 -1.25
C ARG A 22 -5.97 -9.16 -1.83
N LYS A 23 -5.64 -10.02 -2.78
CA LYS A 23 -4.33 -9.99 -3.43
C LYS A 23 -4.44 -9.43 -4.85
N SER A 24 -5.46 -8.62 -5.08
CA SER A 24 -5.68 -8.03 -6.39
C SER A 24 -6.00 -6.54 -6.26
N HIS A 25 -6.88 -6.21 -5.32
CA HIS A 25 -7.28 -4.83 -5.09
C HIS A 25 -6.07 -3.97 -4.71
N PHE A 26 -5.06 -4.60 -4.13
CA PHE A 26 -3.86 -3.91 -3.71
C PHE A 26 -2.95 -3.64 -4.91
N ILE A 27 -2.58 -4.70 -5.61
CA ILE A 27 -1.71 -4.58 -6.78
C ILE A 27 -2.28 -3.58 -7.78
N THR A 28 -3.61 -3.48 -7.82
CA THR A 28 -4.28 -2.57 -8.73
C THR A 28 -4.36 -1.16 -8.15
N HIS A 29 -4.34 -1.08 -6.82
CA HIS A 29 -4.42 0.21 -6.13
C HIS A 29 -3.05 0.87 -6.07
N GLU A 30 -2.00 0.08 -6.27
CA GLU A 30 -0.64 0.59 -6.23
C GLU A 30 -0.29 1.31 -7.53
N ARG A 31 -1.01 0.96 -8.60
CA ARG A 31 -0.78 1.58 -9.91
C ARG A 31 -0.98 3.09 -9.84
N ILE A 32 -2.07 3.51 -9.20
CA ILE A 32 -2.38 4.92 -9.06
C ILE A 32 -1.23 5.68 -8.39
N HIS A 33 -0.42 4.95 -7.62
CA HIS A 33 0.71 5.54 -6.92
C HIS A 33 1.99 5.39 -7.73
N THR A 34 1.85 5.26 -9.05
CA THR A 34 2.99 5.11 -9.93
C THR A 34 2.72 5.71 -11.30
N GLY A 35 3.64 5.51 -12.23
CA GLY A 35 3.49 6.04 -13.57
C GLY A 35 3.58 7.55 -13.60
N GLU A 36 4.79 8.07 -13.81
CA GLU A 36 5.01 9.51 -13.86
C GLU A 36 5.97 9.88 -14.99
N SER A 37 5.90 11.13 -15.43
CA SER A 37 6.76 11.60 -16.51
C SER A 37 8.14 11.99 -15.98
N GLY A 38 8.86 11.01 -15.45
CA GLY A 38 10.18 11.27 -14.92
C GLY A 38 11.15 11.74 -15.99
N PRO A 39 11.55 10.83 -16.87
CA PRO A 39 12.50 11.14 -17.95
C PRO A 39 11.87 12.04 -19.02
N SER A 40 12.69 12.47 -19.98
CA SER A 40 12.22 13.34 -21.05
C SER A 40 11.75 12.53 -22.25
N SER A 41 12.47 11.45 -22.54
CA SER A 41 12.14 10.58 -23.66
C SER A 41 12.07 11.38 -24.96
N GLY A 42 12.82 12.47 -25.01
CA GLY A 42 12.83 13.31 -26.20
C GLY A 42 13.69 12.74 -27.31
ZN ZN B . -2.75 3.74 -1.69
#